data_5H7W
#
_entry.id   5H7W
#
_cell.length_a   53.089
_cell.length_b   68.149
_cell.length_c   139.815
_cell.angle_alpha   90.00
_cell.angle_beta   95.73
_cell.angle_gamma   90.00
#
_symmetry.space_group_name_H-M   'P 1 21 1'
#
loop_
_entity.id
_entity.type
_entity.pdbx_description
1 polymer "venom 5'-nucleotidase"
2 branched beta-D-mannopyranose-(1-4)-2-acetamido-2-deoxy-beta-D-glucopyranose-(1-4)-2-acetamido-2-deoxy-beta-D-glucopyranose
3 non-polymer 2-acetamido-2-deoxy-beta-D-glucopyranose
4 non-polymer 'ZINC ION'
5 non-polymer 'CALCIUM ION'
6 water water
#
_entity_poly.entity_id   1
_entity_poly.type   'polypeptide(L)'
_entity_poly.pdbx_seq_one_letter_code
;GSFELTILHTNDVHARLEQTSRDSGKCTGEDCYGGVARRATKIRQIRASHRNVLLLDAGDQYQGTIWFNYYKGREVVHFM
NSLRYDAMALGNHEFDNGLNGLLDPLLKNVKFPILSANIRPKGPIASNISGYILPYKIINVGSEKVGIIGYTTKETPVLS
NPGPYLEFRDEVEELQKHADKLTTLGVNKIIALGHSGFMEDCRIAQKVKGVDVVVGGHTNTFLYTGSPPSNEVAAGNYPF
MQLSDDGRQVPVVQAYAFGKYLGYLNVTFDDKGKVIKASGNPILLNKSIQEDPAVKAEISRMKVQLQNYSSQEIGRTIVY
LNGTTHACRFHECNLGNLICDAVVYNNLRHPDDNEWNHVSMCIVNGGGIRSPIDEQANNGIITLEELTAVLPFGGTFDLL
QIKGSTLRQAFEHSVHRHGQGTGELLQVSGIKVVYDLSQKPGKRVVSLNVLCTECRVPTYVPLEMEKTYKVLLPSFLAAG
GDGYYMLKGDSSNHSSGDLDISIVGDYIKRMGKVFPAMEGRMVFSAGSL
;
_entity_poly.pdbx_strand_id   A,B
#
loop_
_chem_comp.id
_chem_comp.type
_chem_comp.name
_chem_comp.formula
BMA D-saccharide, beta linking beta-D-mannopyranose 'C6 H12 O6'
CA non-polymer 'CALCIUM ION' 'Ca 2'
NAG D-saccharide, beta linking 2-acetamido-2-deoxy-beta-D-glucopyranose 'C8 H15 N O6'
ZN non-polymer 'ZINC ION' 'Zn 2'
#
# COMPACT_ATOMS: atom_id res chain seq x y z
N GLY A 1 2.56 56.67 30.64
CA GLY A 1 3.57 56.40 29.64
C GLY A 1 2.98 55.58 28.51
N SER A 2 3.70 55.42 27.41
CA SER A 2 3.40 54.34 26.49
C SER A 2 4.58 53.42 26.22
N PHE A 3 4.19 52.26 25.67
CA PHE A 3 5.04 51.12 25.37
C PHE A 3 4.80 50.71 23.93
N GLU A 4 5.83 50.83 23.09
CA GLU A 4 5.71 50.46 21.70
C GLU A 4 6.27 49.07 21.49
N LEU A 5 5.49 48.22 20.84
CA LEU A 5 5.85 46.85 20.58
C LEU A 5 5.76 46.64 19.08
N THR A 6 6.80 46.07 18.50
CA THR A 6 6.82 45.72 17.09
C THR A 6 6.58 44.22 16.97
N ILE A 7 5.49 43.85 16.31
CA ILE A 7 5.15 42.45 16.10
C ILE A 7 5.52 42.08 14.68
N LEU A 8 6.49 41.18 14.52
CA LEU A 8 6.81 40.56 13.24
C LEU A 8 6.13 39.21 13.18
N HIS A 9 5.46 38.89 12.08
CA HIS A 9 4.69 37.65 12.08
C HIS A 9 4.67 37.01 10.70
N THR A 10 4.66 35.66 10.71
CA THR A 10 4.47 34.80 9.55
C THR A 10 3.32 33.82 9.81
N ASN A 11 2.68 33.37 8.74
CA ASN A 11 1.65 32.32 8.82
C ASN A 11 1.62 31.60 7.49
N ASP A 12 1.26 30.31 7.53
CA ASP A 12 1.08 29.50 6.32
C ASP A 12 2.29 29.58 5.39
N VAL A 13 3.49 29.58 5.98
CA VAL A 13 4.73 29.58 5.22
C VAL A 13 4.80 28.35 4.33
N HIS A 14 4.30 27.22 4.83
CA HIS A 14 4.11 26.00 4.04
C HIS A 14 5.39 25.60 3.29
N ALA A 15 6.47 25.44 4.05
CA ALA A 15 7.69 24.81 3.58
C ALA A 15 8.36 25.57 2.43
N ARG A 16 8.12 26.88 2.28
CA ARG A 16 8.87 27.67 1.31
C ARG A 16 10.17 28.09 2.00
N LEU A 17 11.13 27.17 2.01
CA LEU A 17 12.44 27.43 2.60
C LEU A 17 13.32 28.30 1.70
N GLU A 18 13.39 27.94 0.41
CA GLU A 18 14.10 28.75 -0.56
C GLU A 18 13.22 29.89 -1.03
N GLN A 19 13.85 30.91 -1.61
CA GLN A 19 13.11 31.99 -2.24
C GLN A 19 12.30 31.44 -3.42
N THR A 20 11.24 32.15 -3.77
CA THR A 20 10.23 31.65 -4.70
C THR A 20 9.99 32.65 -5.82
N SER A 21 9.27 32.21 -6.84
CA SER A 21 8.70 33.12 -7.82
C SER A 21 7.66 34.04 -7.16
N ARG A 22 7.20 35.00 -7.95
CA ARG A 22 6.13 35.90 -7.51
C ARG A 22 4.93 35.12 -6.97
N ASP A 23 4.59 34.01 -7.63
CA ASP A 23 3.44 33.20 -7.27
C ASP A 23 3.79 32.02 -6.36
N SER A 24 4.92 32.10 -5.67
CA SER A 24 5.30 31.15 -4.64
C SER A 24 5.66 29.77 -5.21
N GLY A 25 6.01 29.70 -6.48
CA GLY A 25 6.55 28.50 -7.06
C GLY A 25 8.06 28.53 -7.09
N LYS A 26 8.62 27.67 -7.95
CA LYS A 26 10.06 27.66 -8.18
C LYS A 26 10.52 28.99 -8.72
N CYS A 27 11.56 29.59 -8.13
CA CYS A 27 12.10 30.78 -8.74
C CYS A 27 13.07 30.46 -9.86
N THR A 28 12.90 31.19 -10.95
CA THR A 28 13.78 31.08 -12.11
C THR A 28 15.12 31.77 -11.91
N GLY A 29 15.16 32.73 -11.02
CA GLY A 29 16.39 33.41 -10.77
C GLY A 29 16.45 34.90 -10.99
N GLU A 30 15.53 35.48 -11.73
CA GLU A 30 15.56 36.94 -11.91
C GLU A 30 14.76 37.71 -10.87
N ASP A 31 13.53 37.36 -10.65
CA ASP A 31 12.74 38.10 -9.68
C ASP A 31 12.25 37.11 -8.65
N CYS A 32 12.88 37.08 -7.48
CA CYS A 32 12.58 36.10 -6.46
C CYS A 32 12.12 36.77 -5.18
N TYR A 33 11.45 35.97 -4.34
CA TYR A 33 10.72 36.49 -3.17
C TYR A 33 10.85 35.53 -2.00
N GLY A 34 10.73 36.07 -0.80
CA GLY A 34 10.62 35.25 0.38
C GLY A 34 11.85 34.37 0.63
N GLY A 35 11.60 33.19 1.21
CA GLY A 35 12.65 32.31 1.68
C GLY A 35 13.16 32.71 3.05
N VAL A 36 13.70 31.74 3.78
CA VAL A 36 14.16 32.05 5.14
C VAL A 36 15.40 32.93 5.14
N ALA A 37 16.26 32.83 4.12
CA ALA A 37 17.48 33.64 4.12
C ALA A 37 17.16 35.13 4.04
N ARG A 38 16.20 35.50 3.19
CA ARG A 38 15.80 36.91 3.09
C ARG A 38 15.02 37.35 4.33
N ARG A 39 14.16 36.49 4.87
CA ARG A 39 13.44 36.86 6.08
C ARG A 39 14.42 37.13 7.23
N ALA A 40 15.47 36.32 7.36
CA ALA A 40 16.46 36.53 8.42
C ALA A 40 17.08 37.91 8.34
N THR A 41 17.44 38.35 7.12
CA THR A 41 18.01 39.68 6.94
C THR A 41 17.07 40.76 7.47
N LYS A 42 15.81 40.72 7.06
CA LYS A 42 14.86 41.75 7.45
C LYS A 42 14.57 41.69 8.94
N ILE A 43 14.39 40.49 9.49
CA ILE A 43 14.21 40.33 10.94
C ILE A 43 15.38 40.95 11.69
N ARG A 44 16.61 40.68 11.24
CA ARG A 44 17.79 41.19 11.95
C ARG A 44 17.86 42.72 11.86
N GLN A 45 17.55 43.28 10.69
CA GLN A 45 17.60 44.74 10.55
C GLN A 45 16.58 45.42 11.46
N ILE A 46 15.39 44.86 11.56
CA ILE A 46 14.36 45.46 12.41
C ILE A 46 14.75 45.36 13.88
N ARG A 47 15.24 44.19 14.30
CA ARG A 47 15.69 44.03 15.68
C ARG A 47 16.78 45.03 16.03
N ALA A 48 17.58 45.43 15.05
CA ALA A 48 18.66 46.37 15.30
C ALA A 48 18.16 47.81 15.40
N SER A 49 17.01 48.13 14.81
CA SER A 49 16.51 49.50 14.80
C SER A 49 15.26 49.70 15.63
N HIS A 50 14.60 48.62 16.06
CA HIS A 50 13.39 48.70 16.87
C HIS A 50 13.70 48.13 18.25
N ARG A 51 13.16 48.79 19.29
CA ARG A 51 13.51 48.42 20.66
C ARG A 51 12.85 47.10 21.06
N ASN A 52 11.52 47.06 21.04
CA ASN A 52 10.76 45.92 21.55
C ASN A 52 10.17 45.16 20.38
N VAL A 53 10.69 43.96 20.12
CA VAL A 53 10.29 43.17 18.95
C VAL A 53 9.89 41.78 19.41
N LEU A 54 8.73 41.33 18.91
CA LEU A 54 8.32 39.93 19.01
C LEU A 54 8.22 39.38 17.60
N LEU A 55 8.69 38.14 17.42
CA LEU A 55 8.57 37.42 16.15
C LEU A 55 7.68 36.20 16.40
N LEU A 56 6.52 36.17 15.75
CA LEU A 56 5.49 35.17 16.02
C LEU A 56 5.14 34.44 14.74
N ASP A 57 4.79 33.17 14.87
CA ASP A 57 4.28 32.41 13.74
C ASP A 57 2.90 31.87 14.09
N ALA A 58 1.93 32.06 13.19
CA ALA A 58 0.55 31.64 13.43
C ALA A 58 0.23 30.29 12.80
N GLY A 59 1.23 29.45 12.54
CA GLY A 59 0.98 28.07 12.17
C GLY A 59 1.11 27.80 10.68
N ASP A 60 1.10 26.50 10.36
CA ASP A 60 1.21 25.95 9.00
C ASP A 60 2.58 26.24 8.38
N GLN A 61 3.64 26.02 9.17
CA GLN A 61 4.99 25.88 8.62
C GLN A 61 5.13 24.55 7.90
N TYR A 62 4.49 23.50 8.44
CA TYR A 62 4.48 22.18 7.84
C TYR A 62 3.77 22.19 6.49
N GLN A 63 4.25 21.33 5.57
CA GLN A 63 3.61 20.95 4.30
C GLN A 63 3.73 21.99 3.19
N GLY A 64 4.22 21.58 2.02
CA GLY A 64 4.17 22.45 0.86
C GLY A 64 5.20 22.27 -0.24
N THR A 65 6.35 21.74 0.12
CA THR A 65 7.46 21.52 -0.82
C THR A 65 8.14 20.23 -0.40
N ILE A 66 9.08 19.77 -1.23
CA ILE A 66 9.85 18.56 -0.90
C ILE A 66 10.69 18.75 0.34
N TRP A 67 10.95 19.99 0.73
CA TRP A 67 11.67 20.24 1.98
C TRP A 67 10.97 19.52 3.11
N PHE A 68 9.65 19.67 3.15
CA PHE A 68 8.88 19.01 4.20
C PHE A 68 8.76 17.52 3.94
N ASN A 69 8.70 17.07 2.69
CA ASN A 69 8.67 15.63 2.42
C ASN A 69 9.90 14.93 3.01
N TYR A 70 11.07 15.55 2.87
CA TYR A 70 12.32 14.90 3.28
C TYR A 70 12.69 15.20 4.72
N TYR A 71 12.69 16.47 5.12
CA TYR A 71 13.13 16.81 6.46
C TYR A 71 12.04 16.61 7.51
N LYS A 72 10.77 16.57 7.09
CA LYS A 72 9.65 16.19 7.96
C LYS A 72 9.57 17.08 9.19
N GLY A 73 9.89 18.36 9.03
CA GLY A 73 9.82 19.33 10.11
C GLY A 73 11.17 19.69 10.71
N ARG A 74 12.22 18.90 10.42
CA ARG A 74 13.55 19.27 10.89
C ARG A 74 13.97 20.61 10.31
N GLU A 75 13.49 20.91 9.11
CA GLU A 75 13.79 22.19 8.46
C GLU A 75 13.08 23.34 9.18
N VAL A 76 11.89 23.09 9.72
CA VAL A 76 11.16 24.09 10.48
C VAL A 76 11.89 24.39 11.79
N VAL A 77 12.18 23.34 12.55
CA VAL A 77 12.95 23.48 13.79
C VAL A 77 14.21 24.30 13.54
N HIS A 78 14.98 23.91 12.52
CA HIS A 78 16.29 24.50 12.26
C HIS A 78 16.17 26.01 12.05
N PHE A 79 15.33 26.43 11.11
CA PHE A 79 15.37 27.83 10.73
C PHE A 79 14.50 28.69 11.63
N MET A 80 13.44 28.13 12.22
CA MET A 80 12.72 28.88 13.25
C MET A 80 13.61 29.10 14.47
N ASN A 81 14.45 28.11 14.80
CA ASN A 81 15.43 28.30 15.87
C ASN A 81 16.46 29.37 15.50
N SER A 82 17.05 29.26 14.31
CA SER A 82 18.13 30.17 13.94
C SER A 82 17.62 31.60 13.77
N LEU A 83 16.36 31.76 13.35
CA LEU A 83 15.75 33.08 13.28
C LEU A 83 15.21 33.56 14.63
N ARG A 84 15.21 32.70 15.65
CA ARG A 84 14.82 33.07 17.01
C ARG A 84 13.38 33.58 17.08
N TYR A 85 12.46 32.77 16.58
CA TYR A 85 11.04 33.02 16.82
C TYR A 85 10.77 33.05 18.32
N ASP A 86 9.82 33.89 18.74
CA ASP A 86 9.47 33.96 20.15
C ASP A 86 8.30 33.07 20.53
N ALA A 87 7.44 32.71 19.58
CA ALA A 87 6.32 31.80 19.83
C ALA A 87 5.70 31.37 18.52
N MET A 88 5.05 30.22 18.54
CA MET A 88 4.34 29.69 17.38
C MET A 88 3.04 29.05 17.85
N ALA A 89 1.94 29.33 17.16
CA ALA A 89 0.72 28.58 17.34
C ALA A 89 0.65 27.45 16.32
N LEU A 90 0.07 26.33 16.74
CA LEU A 90 -0.04 25.19 15.83
C LEU A 90 -1.14 25.43 14.81
N GLY A 91 -0.85 25.09 13.55
CA GLY A 91 -1.86 25.06 12.51
C GLY A 91 -2.33 23.64 12.20
N ASN A 92 -3.32 23.53 11.31
CA ASN A 92 -3.81 22.20 10.95
C ASN A 92 -2.71 21.32 10.36
N HIS A 93 -1.83 21.89 9.52
CA HIS A 93 -0.86 21.04 8.86
C HIS A 93 0.26 20.56 9.77
N GLU A 94 0.44 21.15 10.95
CA GLU A 94 1.40 20.57 11.90
C GLU A 94 0.97 19.19 12.38
N PHE A 95 -0.24 18.74 12.04
CA PHE A 95 -0.68 17.40 12.41
C PHE A 95 -0.66 16.42 11.23
N ASP A 96 -0.07 16.81 10.09
CA ASP A 96 -0.13 15.99 8.89
C ASP A 96 0.53 14.63 9.11
N ASN A 97 1.64 14.59 9.85
CA ASN A 97 2.34 13.36 10.16
C ASN A 97 1.92 12.80 11.53
N GLY A 98 0.72 13.11 11.98
CA GLY A 98 0.23 12.59 13.24
C GLY A 98 0.90 13.26 14.43
N LEU A 99 0.53 12.78 15.61
CA LEU A 99 1.15 13.33 16.81
C LEU A 99 2.61 12.93 16.91
N ASN A 100 2.95 11.72 16.46
CA ASN A 100 4.35 11.31 16.51
C ASN A 100 5.23 12.22 15.64
N GLY A 101 4.72 12.63 14.48
CA GLY A 101 5.42 13.54 13.58
C GLY A 101 5.36 15.00 13.96
N LEU A 102 4.53 15.34 14.95
CA LEU A 102 4.54 16.66 15.57
C LEU A 102 5.48 16.68 16.77
N LEU A 103 5.33 15.69 17.66
CA LEU A 103 6.23 15.52 18.79
C LEU A 103 7.68 15.52 18.33
N ASP A 104 8.00 14.66 17.38
CA ASP A 104 9.33 14.54 16.80
C ASP A 104 9.22 14.88 15.31
N PRO A 105 9.88 15.96 14.86
CA PRO A 105 10.91 16.75 15.55
C PRO A 105 10.48 18.07 16.21
N LEU A 106 9.29 18.59 15.92
CA LEU A 106 9.01 19.99 16.24
C LEU A 106 8.95 20.23 17.75
N LEU A 107 8.05 19.52 18.45
CA LEU A 107 7.80 19.88 19.84
C LEU A 107 9.02 19.66 20.72
N LYS A 108 9.84 18.65 20.41
CA LYS A 108 10.96 18.34 21.28
C LYS A 108 12.20 19.19 21.03
N ASN A 109 12.25 19.93 19.93
CA ASN A 109 13.48 20.61 19.56
C ASN A 109 13.36 22.11 19.31
N VAL A 110 12.16 22.68 19.28
CA VAL A 110 12.08 24.13 19.15
C VAL A 110 12.55 24.76 20.45
N LYS A 111 13.12 25.95 20.34
CA LYS A 111 13.63 26.69 21.49
C LYS A 111 12.66 27.79 21.93
N PHE A 112 11.43 27.74 21.47
CA PHE A 112 10.40 28.72 21.78
C PHE A 112 9.12 27.98 22.11
N PRO A 113 8.20 28.62 22.83
CA PRO A 113 6.96 27.94 23.21
C PRO A 113 6.08 27.66 22.01
N ILE A 114 5.43 26.50 22.05
CA ILE A 114 4.40 26.10 21.10
C ILE A 114 3.06 26.26 21.80
N LEU A 115 2.14 27.00 21.20
CA LEU A 115 0.92 27.42 21.86
C LEU A 115 -0.32 26.94 21.12
N SER A 116 -1.27 26.43 21.90
CA SER A 116 -2.63 26.16 21.42
C SER A 116 -3.53 25.91 22.61
N ALA A 117 -4.40 26.87 22.92
CA ALA A 117 -5.19 26.77 24.14
C ALA A 117 -6.40 25.87 24.01
N ASN A 118 -6.88 25.62 22.79
CA ASN A 118 -8.14 24.90 22.62
C ASN A 118 -7.94 23.44 22.22
N ILE A 119 -6.73 22.89 22.38
CA ILE A 119 -6.51 21.47 22.21
C ILE A 119 -6.52 20.83 23.58
N ARG A 120 -7.19 19.68 23.70
CA ARG A 120 -7.20 18.91 24.95
C ARG A 120 -6.80 17.47 24.68
N PRO A 121 -5.65 17.03 25.21
CA PRO A 121 -5.20 15.65 24.96
C PRO A 121 -5.84 14.65 25.91
N LYS A 122 -5.92 13.41 25.42
CA LYS A 122 -6.60 12.30 26.08
C LYS A 122 -5.64 11.12 26.13
N GLY A 123 -6.03 10.06 26.84
CA GLY A 123 -5.31 8.81 26.80
C GLY A 123 -3.86 8.93 27.23
N PRO A 124 -3.04 7.96 26.85
CA PRO A 124 -1.60 8.04 27.18
C PRO A 124 -0.92 9.27 26.59
N ILE A 125 -1.57 9.97 25.66
CA ILE A 125 -1.03 11.20 25.08
C ILE A 125 -0.89 12.27 26.15
N ALA A 126 -1.96 12.47 26.95
CA ALA A 126 -2.09 13.42 28.04
C ALA A 126 -0.77 13.91 28.61
N SER A 127 -0.19 13.12 29.51
CA SER A 127 0.88 13.52 30.43
C SER A 127 1.85 14.58 29.91
N ASN A 128 2.52 14.33 28.78
CA ASN A 128 3.56 15.30 28.44
C ASN A 128 3.26 16.22 27.26
N ILE A 129 2.40 15.78 26.34
CA ILE A 129 1.92 16.72 25.33
C ILE A 129 1.40 17.95 26.09
N SER A 130 0.97 17.78 27.33
CA SER A 130 0.50 18.92 28.10
C SER A 130 1.72 19.81 28.43
N GLY A 131 2.89 19.18 28.47
CA GLY A 131 4.12 19.89 28.70
C GLY A 131 4.75 20.45 27.47
N TYR A 132 4.43 19.91 26.28
CA TYR A 132 5.04 20.45 25.07
C TYR A 132 4.20 21.54 24.41
N ILE A 133 2.89 21.49 24.59
CA ILE A 133 1.99 22.49 24.05
C ILE A 133 1.46 23.27 25.24
N LEU A 134 1.53 24.59 25.15
CA LEU A 134 1.01 25.43 26.23
C LEU A 134 -0.23 26.18 25.77
N PRO A 135 -1.15 26.48 26.68
CA PRO A 135 -2.27 27.37 26.29
C PRO A 135 -1.80 28.78 26.04
N TYR A 136 -0.85 29.27 26.83
CA TYR A 136 -0.35 30.62 26.69
C TYR A 136 1.06 30.68 27.22
N LYS A 137 1.75 31.77 26.89
CA LYS A 137 3.05 32.06 27.48
C LYS A 137 3.11 33.54 27.85
N ILE A 138 3.68 33.82 29.02
CA ILE A 138 4.02 35.18 29.37
C ILE A 138 5.46 35.43 28.94
N ILE A 139 5.68 36.50 28.18
CA ILE A 139 6.99 36.82 27.62
C ILE A 139 7.43 38.17 28.15
N ASN A 140 8.67 38.22 28.66
CA ASN A 140 9.27 39.48 29.07
C ASN A 140 9.75 40.23 27.84
N VAL A 141 9.24 41.43 27.62
CA VAL A 141 9.66 42.27 26.52
C VAL A 141 10.09 43.59 27.13
N GLY A 142 11.40 43.85 27.13
CA GLY A 142 11.88 45.00 27.87
C GLY A 142 11.52 44.85 29.32
N SER A 143 10.97 45.92 29.90
CA SER A 143 10.52 45.88 31.28
C SER A 143 9.05 45.51 31.43
N GLU A 144 8.42 45.03 30.35
CA GLU A 144 7.01 44.67 30.37
C GLU A 144 6.80 43.19 30.12
N LYS A 145 5.57 42.76 30.38
CA LYS A 145 5.14 41.38 30.18
C LYS A 145 4.02 41.37 29.15
N VAL A 146 4.13 40.50 28.17
CA VAL A 146 3.14 40.34 27.11
C VAL A 146 2.69 38.89 27.12
N GLY A 147 1.38 38.67 27.24
CA GLY A 147 0.83 37.34 27.24
C GLY A 147 0.37 36.96 25.85
N ILE A 148 0.73 35.76 25.43
CA ILE A 148 0.35 35.25 24.11
C ILE A 148 -0.45 33.97 24.31
N ILE A 149 -1.69 33.96 23.81
CA ILE A 149 -2.57 32.80 23.90
C ILE A 149 -2.68 32.21 22.51
N GLY A 150 -2.49 30.90 22.40
CA GLY A 150 -2.55 30.22 21.12
C GLY A 150 -3.91 29.60 20.85
N TYR A 151 -4.19 29.36 19.56
CA TYR A 151 -5.40 28.63 19.18
C TYR A 151 -5.21 27.95 17.83
N THR A 152 -5.97 26.87 17.61
CA THR A 152 -5.86 26.04 16.40
C THR A 152 -7.25 25.69 15.88
N THR A 153 -7.41 25.73 14.55
CA THR A 153 -8.73 25.52 13.96
C THR A 153 -9.37 24.21 14.40
N LYS A 154 -10.68 24.29 14.69
CA LYS A 154 -11.47 23.12 15.05
C LYS A 154 -11.64 22.16 13.88
N GLU A 155 -11.24 22.59 12.67
CA GLU A 155 -11.34 21.80 11.44
C GLU A 155 -10.21 20.80 11.32
N THR A 156 -9.22 20.89 12.21
CA THR A 156 -8.03 20.05 12.12
C THR A 156 -8.32 18.54 12.04
N PRO A 157 -9.25 17.96 12.80
CA PRO A 157 -9.50 16.50 12.63
C PRO A 157 -10.00 16.13 11.24
N VAL A 158 -10.61 17.06 10.51
CA VAL A 158 -11.06 16.78 9.16
C VAL A 158 -9.97 17.10 8.13
N LEU A 159 -9.14 18.10 8.40
CA LEU A 159 -8.10 18.53 7.46
C LEU A 159 -6.79 17.78 7.63
N SER A 160 -6.53 17.16 8.78
CA SER A 160 -5.22 16.61 9.05
C SER A 160 -5.38 15.33 9.86
N ASN A 161 -4.27 14.89 10.49
CA ASN A 161 -4.25 13.59 11.13
C ASN A 161 -3.94 13.70 12.62
N PRO A 162 -4.67 14.50 13.41
CA PRO A 162 -4.35 14.61 14.84
C PRO A 162 -4.63 13.34 15.64
N GLY A 163 -5.44 12.41 15.14
CA GLY A 163 -5.69 11.18 15.85
C GLY A 163 -6.83 11.30 16.83
N PRO A 164 -7.18 10.18 17.47
CA PRO A 164 -8.38 10.14 18.31
C PRO A 164 -8.22 10.77 19.70
N TYR A 165 -7.00 11.07 20.12
CA TYR A 165 -6.76 11.51 21.49
C TYR A 165 -6.65 13.02 21.61
N LEU A 166 -7.08 13.76 20.59
CA LEU A 166 -7.03 15.22 20.61
C LEU A 166 -8.40 15.79 20.29
N GLU A 167 -8.97 16.56 21.22
CA GLU A 167 -10.22 17.27 20.96
C GLU A 167 -9.89 18.75 20.80
N PHE A 168 -10.52 19.39 19.82
CA PHE A 168 -10.28 20.79 19.49
C PHE A 168 -11.52 21.55 19.91
N ARG A 169 -11.37 22.41 20.93
CA ARG A 169 -12.51 23.06 21.57
C ARG A 169 -12.77 24.42 20.90
N ASP A 170 -13.84 25.09 21.32
CA ASP A 170 -14.18 26.38 20.72
C ASP A 170 -13.13 27.42 21.09
N GLU A 171 -12.65 28.16 20.08
CA GLU A 171 -11.54 29.09 20.31
C GLU A 171 -11.96 30.20 21.27
N VAL A 172 -13.12 30.80 21.04
CA VAL A 172 -13.54 31.91 21.90
C VAL A 172 -13.69 31.45 23.35
N GLU A 173 -14.35 30.32 23.56
CA GLU A 173 -14.55 29.84 24.93
C GLU A 173 -13.20 29.62 25.63
N GLU A 174 -12.27 28.93 24.96
CA GLU A 174 -11.00 28.62 25.61
C GLU A 174 -10.11 29.84 25.77
N LEU A 175 -10.07 30.71 24.75
CA LEU A 175 -9.28 31.92 24.88
C LEU A 175 -9.81 32.80 26.00
N GLN A 176 -11.13 32.85 26.19
CA GLN A 176 -11.64 33.69 27.27
C GLN A 176 -11.16 33.21 28.63
N LYS A 177 -10.98 31.91 28.82
CA LYS A 177 -10.52 31.42 30.12
C LYS A 177 -9.11 31.88 30.39
N HIS A 178 -8.24 31.76 29.39
CA HIS A 178 -6.85 32.10 29.60
C HIS A 178 -6.60 33.61 29.55
N ALA A 179 -7.43 34.35 28.82
CA ALA A 179 -7.37 35.80 28.92
C ALA A 179 -7.72 36.27 30.33
N ASP A 180 -8.78 35.71 30.91
CA ASP A 180 -9.12 36.02 32.30
C ASP A 180 -7.98 35.61 33.19
N LYS A 181 -7.38 34.45 32.93
CA LYS A 181 -6.26 34.02 33.76
C LYS A 181 -5.12 35.06 33.66
N LEU A 182 -4.65 35.36 32.45
CA LEU A 182 -3.59 36.36 32.32
C LEU A 182 -3.93 37.65 33.05
N THR A 183 -5.17 38.13 32.89
CA THR A 183 -5.57 39.38 33.54
C THR A 183 -5.49 39.24 35.04
N THR A 184 -5.89 38.08 35.58
CA THR A 184 -5.83 37.87 37.03
C THR A 184 -4.39 37.85 37.53
N LEU A 185 -3.48 37.33 36.71
CA LEU A 185 -2.07 37.33 37.04
C LEU A 185 -1.41 38.69 36.82
N GLY A 186 -2.15 39.69 36.36
CA GLY A 186 -1.61 41.02 36.21
C GLY A 186 -1.02 41.36 34.86
N VAL A 187 -1.26 40.56 33.82
CA VAL A 187 -0.75 40.85 32.48
C VAL A 187 -1.83 41.62 31.74
N ASN A 188 -1.52 42.86 31.32
CA ASN A 188 -2.49 43.73 30.70
C ASN A 188 -2.27 43.92 29.20
N LYS A 189 -1.34 43.18 28.61
CA LYS A 189 -1.12 43.18 27.16
C LYS A 189 -1.20 41.74 26.71
N ILE A 190 -2.21 41.44 25.89
CA ILE A 190 -2.57 40.07 25.53
C ILE A 190 -2.69 39.98 24.02
N ILE A 191 -1.89 39.09 23.42
CA ILE A 191 -1.95 38.80 21.99
C ILE A 191 -2.61 37.44 21.82
N ALA A 192 -3.57 37.37 20.93
CA ALA A 192 -4.13 36.09 20.51
C ALA A 192 -3.43 35.69 19.21
N LEU A 193 -2.76 34.55 19.24
CA LEU A 193 -1.94 34.06 18.14
C LEU A 193 -2.47 32.70 17.71
N GLY A 194 -2.94 32.57 16.47
CA GLY A 194 -3.58 31.29 16.20
C GLY A 194 -3.97 31.08 14.75
N HIS A 195 -4.53 29.89 14.50
CA HIS A 195 -4.66 29.34 13.15
C HIS A 195 -6.08 28.84 12.89
N SER A 196 -7.04 29.77 12.74
CA SER A 196 -8.42 29.39 12.48
C SER A 196 -9.09 30.19 11.38
N GLY A 197 -8.39 31.16 10.78
CA GLY A 197 -8.93 31.92 9.68
C GLY A 197 -9.39 33.31 10.10
N PHE A 198 -9.48 34.19 9.10
CA PHE A 198 -9.77 35.60 9.34
C PHE A 198 -11.14 35.80 10.00
N MET A 199 -12.17 35.06 9.55
CA MET A 199 -13.50 35.20 10.16
C MET A 199 -13.43 34.92 11.66
N GLU A 200 -12.76 33.83 12.03
CA GLU A 200 -12.63 33.47 13.44
C GLU A 200 -11.72 34.46 14.18
N ASP A 201 -10.66 34.94 13.52
CA ASP A 201 -9.83 35.98 14.14
C ASP A 201 -10.65 37.20 14.55
N CYS A 202 -11.56 37.63 13.67
CA CYS A 202 -12.38 38.80 13.99
C CYS A 202 -13.38 38.47 15.11
N ARG A 203 -13.90 37.24 15.12
CA ARG A 203 -14.76 36.83 16.24
C ARG A 203 -14.00 36.89 17.56
N ILE A 204 -12.73 36.47 17.55
CA ILE A 204 -11.90 36.53 18.76
C ILE A 204 -11.69 37.99 19.19
N ALA A 205 -11.35 38.85 18.23
CA ALA A 205 -11.20 40.27 18.50
C ALA A 205 -12.48 40.86 19.08
N GLN A 206 -13.62 40.41 18.58
CA GLN A 206 -14.89 40.98 19.01
C GLN A 206 -15.29 40.50 20.41
N LYS A 207 -15.09 39.21 20.70
CA LYS A 207 -15.72 38.56 21.85
C LYS A 207 -14.80 38.27 23.04
N VAL A 208 -13.50 38.10 22.86
CA VAL A 208 -12.66 37.70 23.99
C VAL A 208 -12.23 38.97 24.72
N LYS A 209 -12.79 39.17 25.91
CA LYS A 209 -12.42 40.33 26.73
C LYS A 209 -10.95 40.27 27.10
N GLY A 210 -10.26 41.38 26.91
CA GLY A 210 -8.86 41.45 27.24
C GLY A 210 -7.89 41.19 26.11
N VAL A 211 -8.36 40.70 24.97
CA VAL A 211 -7.46 40.52 23.83
C VAL A 211 -7.18 41.88 23.21
N ASP A 212 -5.89 42.21 23.07
CA ASP A 212 -5.47 43.49 22.49
C ASP A 212 -5.15 43.41 21.00
N VAL A 213 -4.62 42.29 20.54
CA VAL A 213 -4.18 42.10 19.15
C VAL A 213 -4.43 40.65 18.76
N VAL A 214 -4.86 40.43 17.53
CA VAL A 214 -5.04 39.08 17.00
C VAL A 214 -4.13 38.89 15.80
N VAL A 215 -3.30 37.87 15.85
CA VAL A 215 -2.37 37.52 14.78
C VAL A 215 -2.78 36.15 14.27
N GLY A 216 -3.30 36.09 13.05
CA GLY A 216 -3.92 34.89 12.53
C GLY A 216 -3.27 34.28 11.30
N GLY A 217 -3.98 33.31 10.73
CA GLY A 217 -3.50 32.58 9.58
C GLY A 217 -4.61 31.70 9.05
N HIS A 218 -4.22 30.64 8.32
CA HIS A 218 -5.10 29.58 7.79
C HIS A 218 -5.80 29.93 6.48
N THR A 219 -6.32 31.15 6.37
CA THR A 219 -7.03 31.59 5.18
C THR A 219 -6.14 32.39 4.21
N ASN A 220 -4.84 32.46 4.49
CA ASN A 220 -3.88 33.20 3.64
C ASN A 220 -4.36 34.62 3.39
N THR A 221 -4.93 35.26 4.41
CA THR A 221 -5.57 36.55 4.19
C THR A 221 -4.51 37.65 3.97
N PHE A 222 -4.70 38.44 2.92
CA PHE A 222 -3.82 39.56 2.63
C PHE A 222 -4.52 40.86 3.01
N LEU A 223 -3.93 41.60 3.94
CA LEU A 223 -4.41 42.91 4.34
C LEU A 223 -3.31 43.91 4.03
N TYR A 224 -3.71 45.09 3.58
CA TYR A 224 -2.71 46.10 3.25
C TYR A 224 -3.35 47.47 3.35
N THR A 225 -2.61 48.45 3.88
CA THR A 225 -3.08 49.82 3.92
C THR A 225 -2.42 50.59 2.79
N GLY A 226 -3.22 51.07 1.86
CA GLY A 226 -2.73 51.76 0.69
C GLY A 226 -2.67 50.83 -0.50
N SER A 227 -1.99 51.29 -1.53
CA SER A 227 -1.85 50.52 -2.76
C SER A 227 -0.85 49.40 -2.55
N PRO A 228 -1.24 48.15 -2.71
CA PRO A 228 -0.35 47.02 -2.39
C PRO A 228 0.78 46.88 -3.39
N PRO A 229 1.88 46.22 -3.02
CA PRO A 229 3.07 46.21 -3.90
C PRO A 229 3.17 45.06 -4.89
N SER A 230 2.38 44.00 -4.78
CA SER A 230 2.54 42.89 -5.73
C SER A 230 1.18 42.53 -6.33
N ASN A 231 0.97 41.26 -6.64
CA ASN A 231 -0.28 40.87 -7.28
C ASN A 231 -1.35 40.39 -6.29
N GLU A 232 -1.05 40.27 -5.00
CA GLU A 232 -2.09 40.00 -4.03
C GLU A 232 -2.96 41.25 -3.85
N VAL A 233 -4.27 41.04 -3.77
CA VAL A 233 -5.25 42.11 -3.59
C VAL A 233 -5.71 42.09 -2.14
N ALA A 234 -5.75 43.27 -1.51
CA ALA A 234 -6.07 43.34 -0.09
C ALA A 234 -7.54 43.06 0.17
N ALA A 235 -7.82 42.22 1.18
CA ALA A 235 -9.17 42.03 1.67
C ALA A 235 -9.62 43.12 2.63
N GLY A 236 -8.69 43.93 3.11
CA GLY A 236 -9.02 45.03 4.00
C GLY A 236 -7.75 45.75 4.40
N ASN A 237 -7.91 46.76 5.23
CA ASN A 237 -6.75 47.51 5.72
C ASN A 237 -5.87 46.64 6.61
N TYR A 238 -4.61 47.07 6.75
CA TYR A 238 -3.66 46.48 7.71
C TYR A 238 -3.26 47.54 8.73
N PRO A 239 -3.54 47.31 10.02
CA PRO A 239 -4.29 46.15 10.52
C PRO A 239 -5.79 46.30 10.21
N PHE A 240 -6.53 45.19 10.25
CA PHE A 240 -7.98 45.27 10.20
C PHE A 240 -8.49 45.59 11.59
N MET A 241 -9.23 46.68 11.72
CA MET A 241 -9.65 47.18 13.04
C MET A 241 -11.06 46.64 13.35
N GLN A 242 -11.12 45.61 14.19
CA GLN A 242 -12.39 45.04 14.60
C GLN A 242 -12.86 45.69 15.89
N LEU A 243 -14.09 46.17 15.89
CA LEU A 243 -14.71 46.72 17.09
C LEU A 243 -15.10 45.60 18.04
N SER A 244 -14.57 45.65 19.27
CA SER A 244 -14.94 44.59 20.20
C SER A 244 -16.33 44.89 20.78
N ASP A 245 -16.93 43.88 21.40
CA ASP A 245 -18.21 44.10 22.05
C ASP A 245 -18.12 45.15 23.15
N ASP A 246 -16.95 45.30 23.77
CA ASP A 246 -16.74 46.28 24.83
C ASP A 246 -16.22 47.62 24.32
N GLY A 247 -16.25 47.86 23.00
CA GLY A 247 -15.98 49.18 22.43
C GLY A 247 -14.56 49.50 22.03
N ARG A 248 -13.58 48.63 22.29
CA ARG A 248 -12.21 48.88 21.86
C ARG A 248 -12.02 48.48 20.40
N GLN A 249 -11.13 49.19 19.71
CA GLN A 249 -10.67 48.77 18.40
C GLN A 249 -9.53 47.77 18.59
N VAL A 250 -9.72 46.57 18.06
CA VAL A 250 -8.76 45.48 18.21
C VAL A 250 -8.14 45.22 16.84
N PRO A 251 -6.84 45.48 16.67
CA PRO A 251 -6.17 45.17 15.40
C PRO A 251 -6.12 43.67 15.15
N VAL A 252 -6.49 43.28 13.93
CA VAL A 252 -6.41 41.91 13.44
C VAL A 252 -5.44 41.91 12.27
N VAL A 253 -4.44 41.04 12.32
CA VAL A 253 -3.49 40.94 11.22
C VAL A 253 -3.32 39.50 10.76
N GLN A 254 -2.97 39.37 9.49
CA GLN A 254 -2.49 38.16 8.87
C GLN A 254 -1.50 38.64 7.81
N ALA A 255 -0.68 37.75 7.25
CA ALA A 255 0.34 38.15 6.31
C ALA A 255 0.47 37.19 5.12
N TYR A 256 -0.66 37.00 4.43
CA TYR A 256 -0.80 36.15 3.24
C TYR A 256 -0.26 34.74 3.52
N ALA A 257 0.77 34.29 2.79
CA ALA A 257 1.25 32.91 2.95
C ALA A 257 2.59 32.79 2.24
N PHE A 258 3.22 31.61 2.40
CA PHE A 258 4.37 31.19 1.60
C PHE A 258 5.63 32.02 1.87
N GLY A 259 5.65 32.78 2.96
CA GLY A 259 6.83 33.55 3.29
C GLY A 259 7.12 34.70 2.34
N LYS A 260 6.17 35.06 1.49
CA LYS A 260 6.39 36.16 0.56
C LYS A 260 6.47 37.50 1.29
N TYR A 261 5.74 37.63 2.38
CA TYR A 261 5.69 38.83 3.20
C TYR A 261 6.11 38.52 4.63
N LEU A 262 6.73 39.49 5.28
CA LEU A 262 6.93 39.50 6.72
C LEU A 262 5.94 40.49 7.32
N GLY A 263 5.01 39.99 8.14
CA GLY A 263 4.11 40.89 8.85
C GLY A 263 4.88 41.88 9.72
N TYR A 264 4.35 43.10 9.80
CA TYR A 264 5.05 44.18 10.51
C TYR A 264 4.01 45.14 11.08
N LEU A 265 3.79 45.05 12.40
CA LEU A 265 2.76 45.83 13.07
C LEU A 265 3.37 46.52 14.28
N ASN A 266 3.27 47.85 14.32
CA ASN A 266 3.69 48.64 15.48
C ASN A 266 2.48 48.97 16.35
N VAL A 267 2.48 48.47 17.58
CA VAL A 267 1.39 48.65 18.52
C VAL A 267 1.91 49.50 19.67
N THR A 268 1.21 50.60 19.95
CA THR A 268 1.50 51.46 21.09
C THR A 268 0.45 51.21 22.14
N PHE A 269 0.88 50.83 23.34
CA PHE A 269 0.00 50.64 24.49
C PHE A 269 0.16 51.80 25.47
N ASP A 270 -0.90 52.14 26.17
CA ASP A 270 -0.70 53.02 27.32
C ASP A 270 -0.25 52.17 28.50
N ASP A 271 -0.04 52.81 29.64
CA ASP A 271 0.49 52.10 30.79
C ASP A 271 -0.51 51.15 31.43
N LYS A 272 -1.74 51.10 30.94
CA LYS A 272 -2.75 50.17 31.44
C LYS A 272 -3.01 49.06 30.44
N GLY A 273 -2.21 48.97 29.38
CA GLY A 273 -2.33 47.89 28.43
C GLY A 273 -3.42 48.05 27.40
N LYS A 274 -3.87 49.29 27.14
CA LYS A 274 -4.88 49.57 26.14
C LYS A 274 -4.20 50.05 24.87
N VAL A 275 -4.62 49.52 23.72
CA VAL A 275 -3.99 49.89 22.46
C VAL A 275 -4.41 51.31 22.11
N ILE A 276 -3.42 52.20 21.95
CA ILE A 276 -3.70 53.59 21.59
C ILE A 276 -3.57 53.76 20.09
N LYS A 277 -2.77 52.90 19.48
CA LYS A 277 -2.52 53.00 18.06
C LYS A 277 -1.88 51.72 17.56
N ALA A 278 -2.26 51.30 16.36
CA ALA A 278 -1.67 50.13 15.72
C ALA A 278 -1.58 50.41 14.22
N SER A 279 -0.37 50.36 13.67
CA SER A 279 -0.15 50.74 12.29
C SER A 279 1.01 49.95 11.73
N GLY A 280 1.07 49.87 10.41
CA GLY A 280 2.12 49.12 9.74
C GLY A 280 1.67 48.67 8.37
N ASN A 281 2.31 47.59 7.91
CA ASN A 281 2.05 46.94 6.62
C ASN A 281 2.96 45.74 6.46
N PRO A 282 2.48 44.65 5.84
CA PRO A 282 3.36 43.52 5.58
C PRO A 282 4.49 43.95 4.66
N ILE A 283 5.69 43.47 4.97
CA ILE A 283 6.88 43.83 4.20
C ILE A 283 7.04 42.82 3.08
N LEU A 284 7.00 43.29 1.84
CA LEU A 284 7.27 42.39 0.72
C LEU A 284 8.75 42.03 0.73
N LEU A 285 9.04 40.74 0.83
CA LEU A 285 10.42 40.27 0.85
C LEU A 285 10.88 40.08 -0.60
N ASN A 286 11.16 41.19 -1.24
CA ASN A 286 11.63 41.15 -2.60
C ASN A 286 13.17 41.20 -2.75
N LYS A 287 13.62 41.29 -3.99
CA LYS A 287 15.06 41.35 -4.29
C LYS A 287 15.84 42.51 -3.61
N SER A 288 15.16 43.56 -3.15
CA SER A 288 15.88 44.65 -2.51
C SER A 288 16.49 44.23 -1.17
N ILE A 289 16.01 43.14 -0.61
CA ILE A 289 16.50 42.66 0.66
C ILE A 289 17.42 41.49 0.36
N GLN A 290 18.66 41.58 0.81
CA GLN A 290 19.65 40.56 0.49
C GLN A 290 19.34 39.28 1.25
N GLU A 291 19.70 38.15 0.65
CA GLU A 291 19.55 36.88 1.35
C GLU A 291 20.71 36.74 2.32
N ASP A 292 20.42 36.48 3.58
CA ASP A 292 21.48 36.36 4.58
C ASP A 292 22.42 35.26 4.12
N PRO A 293 23.73 35.53 3.94
CA PRO A 293 24.62 34.49 3.38
C PRO A 293 24.77 33.26 4.26
N ALA A 294 24.77 33.40 5.58
CA ALA A 294 24.93 32.22 6.42
C ALA A 294 23.71 31.30 6.31
N VAL A 295 22.51 31.88 6.32
CA VAL A 295 21.31 31.06 6.14
C VAL A 295 21.32 30.44 4.75
N LYS A 296 21.69 31.24 3.74
CA LYS A 296 21.72 30.75 2.37
C LYS A 296 22.66 29.57 2.22
N ALA A 297 23.81 29.59 2.91
CA ALA A 297 24.76 28.49 2.82
C ALA A 297 24.16 27.21 3.41
N GLU A 298 23.39 27.35 4.50
CA GLU A 298 22.72 26.19 5.08
C GLU A 298 21.64 25.66 4.14
N ILE A 299 20.90 26.56 3.50
CA ILE A 299 19.90 26.13 2.54
C ILE A 299 20.57 25.33 1.42
N SER A 300 21.70 25.84 0.93
CA SER A 300 22.42 25.21 -0.20
C SER A 300 22.89 23.81 0.16
N ARG A 301 23.54 23.67 1.32
CA ARG A 301 23.96 22.36 1.82
C ARG A 301 22.79 21.40 1.87
N MET A 302 21.66 21.87 2.38
CA MET A 302 20.52 20.98 2.54
C MET A 302 19.90 20.62 1.20
N LYS A 303 19.90 21.56 0.24
CA LYS A 303 19.42 21.29 -1.11
C LYS A 303 20.17 20.14 -1.78
N VAL A 304 21.47 20.00 -1.52
CA VAL A 304 22.17 18.89 -2.18
C VAL A 304 21.63 17.56 -1.65
N GLN A 305 21.31 17.51 -0.35
CA GLN A 305 20.63 16.32 0.18
C GLN A 305 19.28 16.10 -0.49
N LEU A 306 18.52 17.18 -0.69
CA LEU A 306 17.21 17.07 -1.32
C LEU A 306 17.32 16.54 -2.75
N GLN A 307 18.37 16.94 -3.46
CA GLN A 307 18.55 16.49 -4.82
C GLN A 307 18.89 15.00 -4.86
N ASN A 308 19.72 14.53 -3.92
CA ASN A 308 19.97 13.09 -3.79
C ASN A 308 18.70 12.32 -3.47
N TYR A 309 17.90 12.83 -2.53
CA TYR A 309 16.63 12.19 -2.15
C TYR A 309 15.67 12.08 -3.33
N SER A 310 15.65 13.06 -4.22
CA SER A 310 14.68 13.06 -5.31
C SER A 310 14.96 11.98 -6.35
N SER A 311 16.16 11.42 -6.35
CA SER A 311 16.51 10.39 -7.31
C SER A 311 16.32 8.98 -6.75
N GLN A 312 15.86 8.85 -5.50
CA GLN A 312 15.71 7.54 -4.89
C GLN A 312 14.41 6.86 -5.31
N GLU A 313 14.48 5.53 -5.41
CA GLU A 313 13.32 4.74 -5.79
C GLU A 313 12.24 4.81 -4.71
N ILE A 314 11.04 5.22 -5.10
CA ILE A 314 9.86 5.19 -4.23
C ILE A 314 9.11 3.87 -4.38
N GLY A 315 8.99 3.41 -5.61
CA GLY A 315 8.23 2.21 -5.94
C GLY A 315 8.36 1.97 -7.43
N ARG A 316 7.57 1.03 -7.94
CA ARG A 316 7.67 0.68 -9.35
C ARG A 316 6.28 0.56 -9.96
N THR A 317 6.18 0.85 -11.25
CA THR A 317 4.99 0.57 -12.06
C THR A 317 5.27 -0.58 -13.00
N ILE A 318 4.31 -1.49 -13.14
CA ILE A 318 4.44 -2.55 -14.12
C ILE A 318 3.58 -2.28 -15.36
N VAL A 319 2.94 -1.11 -15.43
CA VAL A 319 2.20 -0.69 -16.61
C VAL A 319 2.75 0.66 -17.06
N TYR A 320 2.52 0.97 -18.33
CA TYR A 320 2.74 2.32 -18.81
C TYR A 320 1.76 3.27 -18.12
N LEU A 321 2.28 4.36 -17.58
CA LEU A 321 1.44 5.36 -16.92
C LEU A 321 1.20 6.43 -17.98
N ASN A 322 0.02 6.37 -18.60
CA ASN A 322 -0.21 7.16 -19.80
C ASN A 322 -0.61 8.57 -19.39
N GLY A 323 0.38 9.44 -19.25
CA GLY A 323 0.09 10.84 -19.02
C GLY A 323 0.32 11.70 -20.24
N THR A 324 0.25 11.11 -21.43
CA THR A 324 0.34 11.92 -22.63
C THR A 324 -0.92 12.77 -22.78
N THR A 325 -0.77 13.89 -23.50
CA THR A 325 -1.93 14.74 -23.78
C THR A 325 -3.00 13.95 -24.55
N HIS A 326 -2.56 13.11 -25.49
CA HIS A 326 -3.49 12.37 -26.33
C HIS A 326 -4.40 11.47 -25.51
N ALA A 327 -3.93 11.02 -24.35
CA ALA A 327 -4.80 10.26 -23.46
C ALA A 327 -5.57 11.17 -22.50
N CYS A 328 -4.84 11.89 -21.63
CA CYS A 328 -5.51 12.53 -20.49
C CYS A 328 -6.38 13.72 -20.88
N ARG A 329 -6.22 14.28 -22.08
CA ARG A 329 -7.09 15.37 -22.51
C ARG A 329 -8.21 14.90 -23.43
N PHE A 330 -8.28 13.60 -23.74
CA PHE A 330 -9.30 13.09 -24.64
C PHE A 330 -10.13 11.95 -24.08
N HIS A 331 -9.57 11.14 -23.19
CA HIS A 331 -10.32 10.00 -22.69
C HIS A 331 -9.80 9.64 -21.29
N GLU A 332 -10.28 8.51 -20.76
CA GLU A 332 -9.84 8.05 -19.44
C GLU A 332 -8.36 7.68 -19.48
N CYS A 333 -7.56 8.23 -18.57
CA CYS A 333 -6.15 7.87 -18.55
C CYS A 333 -5.80 7.27 -17.19
N ASN A 334 -5.07 6.15 -17.24
CA ASN A 334 -4.83 5.40 -16.02
C ASN A 334 -3.94 6.16 -15.04
N LEU A 335 -3.10 7.07 -15.54
CA LEU A 335 -2.29 7.87 -14.62
C LEU A 335 -3.17 8.85 -13.84
N GLY A 336 -4.16 9.46 -14.50
CA GLY A 336 -5.10 10.29 -13.78
C GLY A 336 -5.89 9.54 -12.72
N ASN A 337 -6.29 8.30 -13.04
CA ASN A 337 -6.95 7.46 -12.03
C ASN A 337 -6.04 7.23 -10.83
N LEU A 338 -4.77 6.93 -11.08
CA LEU A 338 -3.82 6.72 -9.98
C LEU A 338 -3.70 7.97 -9.12
N ILE A 339 -3.57 9.13 -9.77
CA ILE A 339 -3.41 10.39 -9.03
C ILE A 339 -4.61 10.64 -8.13
N CYS A 340 -5.83 10.56 -8.67
CA CYS A 340 -6.99 10.85 -7.83
C CYS A 340 -7.23 9.76 -6.79
N ASP A 341 -6.85 8.50 -7.08
CA ASP A 341 -6.91 7.47 -6.05
C ASP A 341 -5.94 7.78 -4.91
N ALA A 342 -4.73 8.23 -5.26
CA ALA A 342 -3.78 8.67 -4.24
C ALA A 342 -4.33 9.83 -3.43
N VAL A 343 -5.02 10.76 -4.09
CA VAL A 343 -5.54 11.93 -3.39
C VAL A 343 -6.63 11.52 -2.40
N VAL A 344 -7.53 10.63 -2.82
CA VAL A 344 -8.57 10.15 -1.88
C VAL A 344 -7.92 9.47 -0.69
N TYR A 345 -6.94 8.61 -0.96
CA TYR A 345 -6.26 7.86 0.09
C TYR A 345 -5.60 8.80 1.11
N ASN A 346 -5.02 9.90 0.65
CA ASN A 346 -4.37 10.84 1.57
C ASN A 346 -5.37 11.57 2.45
N ASN A 347 -6.65 11.57 2.07
CA ASN A 347 -7.66 12.34 2.77
C ASN A 347 -8.61 11.45 3.57
N LEU A 348 -8.19 10.23 3.89
CA LEU A 348 -8.99 9.37 4.75
C LEU A 348 -8.74 9.84 6.18
N ARG A 349 -9.78 10.34 6.84
CA ARG A 349 -9.68 10.91 8.18
C ARG A 349 -10.76 10.37 9.10
N HIS A 350 -10.58 10.66 10.40
CA HIS A 350 -11.51 10.18 11.41
C HIS A 350 -12.97 10.45 11.05
N PRO A 351 -13.64 9.41 10.67
CA PRO A 351 -15.05 9.53 10.28
C PRO A 351 -15.98 9.79 11.45
N ASP A 352 -16.62 10.96 11.48
CA ASP A 352 -17.68 11.23 12.42
C ASP A 352 -19.04 10.94 11.83
N ASP A 353 -20.04 10.94 12.71
CA ASP A 353 -21.46 10.97 12.38
C ASP A 353 -21.81 10.39 11.02
N ASN A 354 -21.93 9.08 10.95
CA ASN A 354 -22.66 8.41 9.87
C ASN A 354 -21.97 8.48 8.51
N GLU A 355 -20.67 8.74 8.47
CA GLU A 355 -19.94 8.73 7.21
C GLU A 355 -18.74 7.81 7.37
N TRP A 356 -18.43 7.02 6.34
CA TRP A 356 -17.21 6.22 6.38
C TRP A 356 -15.98 7.10 6.18
N ASN A 357 -16.15 8.21 5.45
CA ASN A 357 -15.16 9.28 5.35
C ASN A 357 -15.90 10.54 4.93
N HIS A 358 -15.32 11.70 5.24
CA HIS A 358 -15.99 12.95 4.89
C HIS A 358 -15.92 13.28 3.39
N VAL A 359 -15.04 12.63 2.64
CA VAL A 359 -14.91 12.88 1.20
C VAL A 359 -14.62 11.56 0.50
N SER A 360 -15.22 11.37 -0.68
CA SER A 360 -15.06 10.14 -1.43
C SER A 360 -14.57 10.35 -2.86
N MET A 361 -14.46 11.60 -3.32
CA MET A 361 -14.32 11.91 -4.74
C MET A 361 -13.13 12.83 -4.99
N CYS A 362 -12.53 12.68 -6.17
CA CYS A 362 -11.42 13.52 -6.58
C CYS A 362 -11.56 13.77 -8.08
N ILE A 363 -11.15 14.97 -8.51
CA ILE A 363 -11.04 15.32 -9.92
C ILE A 363 -9.66 15.92 -10.17
N VAL A 364 -9.13 15.69 -11.37
CA VAL A 364 -7.90 16.37 -11.80
C VAL A 364 -8.03 16.56 -13.30
N ASN A 365 -7.79 17.79 -13.76
CA ASN A 365 -7.93 18.09 -15.18
C ASN A 365 -6.75 17.51 -15.95
N GLY A 366 -7.03 17.01 -17.16
CA GLY A 366 -5.97 16.41 -17.94
C GLY A 366 -4.82 17.35 -18.18
N GLY A 367 -5.10 18.65 -18.26
CA GLY A 367 -4.04 19.64 -18.42
C GLY A 367 -3.09 19.72 -17.25
N GLY A 368 -3.47 19.18 -16.08
CA GLY A 368 -2.58 19.14 -14.94
C GLY A 368 -1.63 17.97 -14.93
N ILE A 369 -1.78 17.03 -15.87
CA ILE A 369 -0.94 15.86 -15.93
C ILE A 369 0.05 16.09 -17.07
N ARG A 370 1.31 16.32 -16.74
CA ARG A 370 2.24 16.92 -17.70
C ARG A 370 3.19 15.92 -18.34
N SER A 371 3.08 14.65 -18.00
CA SER A 371 4.00 13.67 -18.59
C SER A 371 3.49 12.26 -18.33
N PRO A 372 3.79 11.33 -19.24
CA PRO A 372 3.63 9.91 -18.90
C PRO A 372 4.80 9.45 -18.03
N ILE A 373 4.73 8.22 -17.56
CA ILE A 373 5.87 7.54 -16.98
C ILE A 373 6.02 6.22 -17.71
N ASP A 374 7.12 6.05 -18.41
CA ASP A 374 7.35 4.87 -19.25
C ASP A 374 7.91 3.76 -18.39
N GLU A 375 7.16 2.66 -18.27
CA GLU A 375 7.65 1.52 -17.49
C GLU A 375 8.81 0.82 -18.20
N GLN A 376 8.98 1.03 -19.50
CA GLN A 376 10.10 0.40 -20.20
C GLN A 376 11.41 1.18 -20.07
N ALA A 377 11.37 2.40 -19.54
CA ALA A 377 12.55 3.26 -19.58
C ALA A 377 13.63 2.80 -18.61
N ASN A 378 13.24 2.45 -17.39
CA ASN A 378 14.19 2.15 -16.32
C ASN A 378 13.56 1.17 -15.33
N ASN A 379 13.14 0.01 -15.85
CA ASN A 379 12.56 -1.06 -15.04
C ASN A 379 11.37 -0.59 -14.23
N GLY A 380 10.66 0.45 -14.70
CA GLY A 380 9.49 0.94 -14.02
C GLY A 380 9.76 1.68 -12.73
N ILE A 381 11.02 2.03 -12.45
CA ILE A 381 11.38 2.67 -11.20
C ILE A 381 10.82 4.08 -11.13
N ILE A 382 10.06 4.37 -10.07
CA ILE A 382 9.47 5.70 -9.87
C ILE A 382 10.25 6.40 -8.76
N THR A 383 10.79 7.58 -9.09
CA THR A 383 11.39 8.49 -8.11
C THR A 383 10.61 9.80 -8.11
N LEU A 384 10.98 10.70 -7.20
CA LEU A 384 10.35 12.02 -7.17
C LEU A 384 10.62 12.80 -8.46
N GLU A 385 11.73 12.51 -9.14
CA GLU A 385 12.00 13.13 -10.44
C GLU A 385 10.92 12.78 -11.46
N GLU A 386 10.57 11.50 -11.57
CA GLU A 386 9.48 11.13 -12.49
C GLU A 386 8.17 11.80 -12.09
N LEU A 387 7.87 11.83 -10.79
CA LEU A 387 6.63 12.43 -10.33
C LEU A 387 6.62 13.94 -10.60
N THR A 388 7.78 14.58 -10.48
CA THR A 388 7.83 16.00 -10.77
C THR A 388 7.58 16.27 -12.26
N ALA A 389 7.99 15.36 -13.14
CA ALA A 389 7.66 15.51 -14.57
C ALA A 389 6.15 15.49 -14.80
N VAL A 390 5.44 14.65 -14.06
CA VAL A 390 3.98 14.55 -14.19
C VAL A 390 3.32 15.76 -13.56
N LEU A 391 3.79 16.17 -12.38
CA LEU A 391 3.20 17.25 -11.59
C LEU A 391 4.30 18.23 -11.27
N PRO A 392 4.62 19.14 -12.19
CA PRO A 392 5.80 19.99 -12.04
C PRO A 392 5.55 21.33 -11.34
N PHE A 393 4.33 21.64 -10.95
CA PHE A 393 4.00 23.00 -10.58
C PHE A 393 3.98 23.22 -9.08
N GLY A 394 4.12 22.18 -8.29
CA GLY A 394 4.17 22.36 -6.86
C GLY A 394 2.85 22.76 -6.24
N GLY A 395 1.74 22.37 -6.86
CA GLY A 395 0.43 22.69 -6.33
C GLY A 395 -0.01 21.68 -5.28
N THR A 396 -1.23 21.86 -4.81
CA THR A 396 -1.78 20.97 -3.80
C THR A 396 -3.05 20.33 -4.33
N PHE A 397 -3.59 19.39 -3.57
CA PHE A 397 -4.97 18.97 -3.76
C PHE A 397 -5.77 19.47 -2.57
N ASP A 398 -6.85 20.17 -2.85
CA ASP A 398 -7.64 20.90 -1.89
C ASP A 398 -9.02 20.26 -1.78
N LEU A 399 -9.75 20.68 -0.76
CA LEU A 399 -11.11 20.21 -0.51
C LEU A 399 -12.08 21.35 -0.81
N LEU A 400 -13.07 21.10 -1.66
CA LEU A 400 -14.06 22.09 -2.04
C LEU A 400 -15.46 21.59 -1.70
N GLN A 401 -16.27 22.43 -1.06
CA GLN A 401 -17.67 22.13 -0.83
C GLN A 401 -18.48 22.70 -2.00
N ILE A 402 -19.31 21.86 -2.64
CA ILE A 402 -19.88 22.22 -3.94
C ILE A 402 -21.28 21.60 -4.07
N LYS A 403 -22.25 22.37 -4.60
CA LYS A 403 -23.56 21.76 -4.78
C LYS A 403 -23.52 20.83 -6.00
N GLY A 404 -24.39 19.82 -5.99
CA GLY A 404 -24.48 18.93 -7.13
C GLY A 404 -24.64 19.65 -8.46
N SER A 405 -25.46 20.70 -8.49
CA SER A 405 -25.68 21.43 -9.75
C SER A 405 -24.39 22.04 -10.27
N THR A 406 -23.54 22.57 -9.36
CA THR A 406 -22.27 23.15 -9.78
C THR A 406 -21.28 22.09 -10.25
N LEU A 407 -21.24 20.95 -9.55
CA LEU A 407 -20.37 19.87 -10.00
C LEU A 407 -20.81 19.38 -11.37
N ARG A 408 -22.11 19.30 -11.61
CA ARG A 408 -22.59 18.93 -12.94
C ARG A 408 -22.15 19.96 -13.97
N GLN A 409 -22.26 21.25 -13.62
CA GLN A 409 -21.77 22.31 -14.49
C GLN A 409 -20.29 22.14 -14.78
N ALA A 410 -19.52 21.67 -13.81
CA ALA A 410 -18.10 21.44 -14.04
C ALA A 410 -17.87 20.28 -15.03
N PHE A 411 -18.67 19.22 -14.95
CA PHE A 411 -18.52 18.13 -15.92
C PHE A 411 -19.03 18.50 -17.31
N GLU A 412 -19.93 19.47 -17.43
CA GLU A 412 -20.23 20.01 -18.76
C GLU A 412 -19.05 20.78 -19.30
N HIS A 413 -18.40 21.61 -18.45
CA HIS A 413 -17.19 22.31 -18.87
C HIS A 413 -16.09 21.33 -19.28
N SER A 414 -16.03 20.19 -18.60
CA SER A 414 -15.04 19.15 -18.87
C SER A 414 -15.00 18.72 -20.33
N VAL A 415 -16.15 18.74 -21.03
CA VAL A 415 -16.24 18.28 -22.40
C VAL A 415 -16.80 19.33 -23.35
N HIS A 416 -16.96 20.58 -22.91
CA HIS A 416 -17.64 21.55 -23.77
C HIS A 416 -16.83 21.84 -25.05
N ARG A 417 -15.51 21.71 -25.01
CA ARG A 417 -14.77 21.74 -26.28
C ARG A 417 -13.89 20.51 -26.41
N HIS A 418 -14.40 19.35 -26.02
CA HIS A 418 -13.69 18.09 -26.20
C HIS A 418 -13.23 17.94 -27.65
N GLY A 419 -12.00 17.44 -27.81
CA GLY A 419 -11.40 17.26 -29.11
C GLY A 419 -10.41 18.35 -29.47
N GLN A 420 -10.43 19.49 -28.78
CA GLN A 420 -9.53 20.57 -29.10
C GLN A 420 -8.15 20.42 -28.46
N GLY A 421 -7.96 19.45 -27.57
CA GLY A 421 -6.66 19.25 -26.98
C GLY A 421 -6.32 20.20 -25.85
N THR A 422 -7.29 20.97 -25.36
CA THR A 422 -7.06 21.84 -24.21
C THR A 422 -7.18 20.99 -22.94
N GLY A 423 -6.92 21.60 -21.79
CA GLY A 423 -6.70 20.77 -20.62
C GLY A 423 -7.90 20.44 -19.76
N GLU A 424 -9.14 20.66 -20.20
CA GLU A 424 -10.27 20.61 -19.27
C GLU A 424 -10.61 19.21 -18.76
N LEU A 425 -10.58 18.20 -19.64
CA LEU A 425 -11.19 16.90 -19.33
C LEU A 425 -10.82 16.42 -17.93
N LEU A 426 -11.85 16.10 -17.14
CA LEU A 426 -11.64 15.72 -15.74
C LEU A 426 -11.39 14.21 -15.61
N GLN A 427 -10.23 13.84 -15.09
CA GLN A 427 -9.98 12.49 -14.61
C GLN A 427 -10.48 12.44 -13.16
N VAL A 428 -10.93 11.25 -12.72
CA VAL A 428 -11.72 11.17 -11.50
C VAL A 428 -11.36 9.95 -10.65
N SER A 429 -11.70 10.05 -9.35
CA SER A 429 -11.85 8.89 -8.47
C SER A 429 -13.16 9.05 -7.69
N GLY A 430 -13.91 7.97 -7.55
CA GLY A 430 -15.16 8.02 -6.80
C GLY A 430 -16.30 8.64 -7.55
N ILE A 431 -16.17 8.76 -8.87
CA ILE A 431 -17.18 9.35 -9.73
C ILE A 431 -17.29 8.45 -10.94
N LYS A 432 -18.52 8.25 -11.42
CA LYS A 432 -18.82 7.61 -12.70
C LYS A 432 -19.56 8.62 -13.54
N VAL A 433 -18.97 9.05 -14.65
CA VAL A 433 -19.62 10.01 -15.53
C VAL A 433 -19.85 9.35 -16.89
N VAL A 434 -21.01 9.65 -17.47
CA VAL A 434 -21.37 9.21 -18.81
C VAL A 434 -21.62 10.47 -19.63
N TYR A 435 -20.96 10.56 -20.78
CA TYR A 435 -21.10 11.68 -21.70
C TYR A 435 -21.70 11.20 -23.01
N ASP A 436 -22.38 12.14 -23.70
CA ASP A 436 -22.80 11.96 -25.08
C ASP A 436 -22.27 13.16 -25.85
N LEU A 437 -21.12 12.99 -26.51
CA LEU A 437 -20.52 14.10 -27.23
C LEU A 437 -21.30 14.51 -28.46
N SER A 438 -22.32 13.74 -28.86
CA SER A 438 -23.13 14.15 -30.00
C SER A 438 -24.15 15.22 -29.62
N GLN A 439 -24.32 15.52 -28.32
CA GLN A 439 -25.22 16.59 -27.95
C GLN A 439 -24.51 17.94 -28.01
N LYS A 440 -25.31 19.00 -27.92
CA LYS A 440 -24.76 20.34 -27.98
C LYS A 440 -23.87 20.55 -26.77
N PRO A 441 -22.80 21.33 -26.91
CA PRO A 441 -22.01 21.73 -25.73
C PRO A 441 -22.91 22.23 -24.61
N GLY A 442 -22.62 21.84 -23.39
CA GLY A 442 -23.45 22.17 -22.25
C GLY A 442 -24.58 21.21 -21.98
N LYS A 443 -24.83 20.23 -22.86
CA LYS A 443 -25.83 19.21 -22.63
C LYS A 443 -25.25 17.83 -22.89
N ARG A 444 -23.98 17.64 -22.55
CA ARG A 444 -23.31 16.38 -22.86
C ARG A 444 -23.17 15.44 -21.69
N VAL A 445 -23.51 15.85 -20.47
CA VAL A 445 -23.45 14.95 -19.33
C VAL A 445 -24.72 14.12 -19.35
N VAL A 446 -24.58 12.82 -19.57
CA VAL A 446 -25.76 11.95 -19.55
C VAL A 446 -26.13 11.61 -18.11
N SER A 447 -25.13 11.21 -17.32
CA SER A 447 -25.38 10.90 -15.93
C SER A 447 -24.11 11.09 -15.11
N LEU A 448 -24.31 11.37 -13.82
CA LEU A 448 -23.24 11.44 -12.84
C LEU A 448 -23.66 10.63 -11.62
N ASN A 449 -22.86 9.67 -11.24
CA ASN A 449 -23.04 8.91 -10.01
C ASN A 449 -21.76 9.06 -9.20
N VAL A 450 -21.91 9.13 -7.88
CA VAL A 450 -20.81 9.42 -6.98
C VAL A 450 -20.82 8.41 -5.84
N LEU A 451 -19.64 8.16 -5.27
CA LEU A 451 -19.58 7.30 -4.09
C LEU A 451 -20.23 8.00 -2.91
N CYS A 452 -21.25 7.37 -2.32
CA CYS A 452 -21.82 7.90 -1.10
C CYS A 452 -20.75 7.99 -0.01
N THR A 453 -20.90 8.98 0.85
CA THR A 453 -20.14 9.03 2.09
C THR A 453 -20.99 8.64 3.29
N GLU A 454 -22.28 8.96 3.23
CA GLU A 454 -23.21 8.74 4.34
C GLU A 454 -23.80 7.34 4.23
N CYS A 455 -22.94 6.36 4.42
CA CYS A 455 -23.24 4.95 4.19
C CYS A 455 -22.11 4.14 4.82
N ARG A 456 -22.41 2.89 5.19
CA ARG A 456 -21.37 2.03 5.74
C ARG A 456 -20.59 1.27 4.67
N VAL A 457 -21.14 1.08 3.49
CA VAL A 457 -20.43 0.46 2.39
C VAL A 457 -20.44 1.45 1.22
N PRO A 458 -19.29 1.97 0.79
CA PRO A 458 -19.32 2.94 -0.32
C PRO A 458 -19.97 2.32 -1.54
N THR A 459 -20.86 3.07 -2.17
CA THR A 459 -21.55 2.57 -3.35
C THR A 459 -21.96 3.79 -4.18
N TYR A 460 -22.15 3.58 -5.47
CA TYR A 460 -22.42 4.70 -6.37
C TYR A 460 -23.89 5.09 -6.33
N VAL A 461 -24.17 6.39 -6.16
CA VAL A 461 -25.54 6.88 -6.11
C VAL A 461 -25.65 8.09 -7.05
N PRO A 462 -26.82 8.36 -7.61
CA PRO A 462 -26.96 9.50 -8.53
C PRO A 462 -26.67 10.82 -7.83
N LEU A 463 -26.01 11.72 -8.55
CA LEU A 463 -25.77 13.06 -8.04
C LEU A 463 -27.10 13.78 -7.85
N GLU A 464 -27.24 14.49 -6.74
CA GLU A 464 -28.45 15.24 -6.44
C GLU A 464 -28.13 16.72 -6.60
N MET A 465 -28.96 17.44 -7.37
CA MET A 465 -28.56 18.78 -7.77
C MET A 465 -28.52 19.77 -6.60
N GLU A 466 -29.37 19.58 -5.60
CA GLU A 466 -29.43 20.53 -4.49
C GLU A 466 -28.62 20.12 -3.28
N LYS A 467 -28.04 18.92 -3.28
CA LYS A 467 -27.20 18.46 -2.19
C LYS A 467 -25.81 19.07 -2.29
N THR A 468 -25.17 19.28 -1.13
CA THR A 468 -23.80 19.78 -1.06
C THR A 468 -22.85 18.61 -0.89
N TYR A 469 -21.76 18.62 -1.66
CA TYR A 469 -20.77 17.54 -1.62
C TYR A 469 -19.40 18.11 -1.29
N LYS A 470 -18.51 17.21 -0.89
CA LYS A 470 -17.10 17.54 -0.77
C LYS A 470 -16.40 16.88 -1.94
N VAL A 471 -15.49 17.60 -2.57
CA VAL A 471 -14.72 17.09 -3.69
C VAL A 471 -13.28 17.55 -3.52
N LEU A 472 -12.35 16.65 -3.83
CA LEU A 472 -10.93 16.96 -3.86
C LEU A 472 -10.53 17.37 -5.27
N LEU A 473 -9.69 18.39 -5.38
CA LEU A 473 -9.36 18.94 -6.69
C LEU A 473 -8.02 19.68 -6.58
N PRO A 474 -7.32 19.86 -7.69
CA PRO A 474 -6.04 20.58 -7.65
C PRO A 474 -6.23 22.05 -7.31
N SER A 475 -5.23 22.60 -6.61
CA SER A 475 -5.28 24.03 -6.32
C SER A 475 -5.45 24.87 -7.59
N PHE A 476 -4.93 24.40 -8.73
CA PHE A 476 -5.11 25.09 -10.01
C PHE A 476 -6.58 25.27 -10.36
N LEU A 477 -7.39 24.21 -10.18
CA LEU A 477 -8.82 24.33 -10.43
C LEU A 477 -9.53 25.13 -9.35
N ALA A 478 -9.09 25.00 -8.10
CA ALA A 478 -9.66 25.82 -7.02
C ALA A 478 -9.36 27.29 -7.19
N ALA A 479 -8.42 27.65 -8.05
CA ALA A 479 -8.19 29.04 -8.42
C ALA A 479 -8.94 29.42 -9.70
N GLY A 480 -9.76 28.52 -10.25
CA GLY A 480 -10.47 28.80 -11.49
C GLY A 480 -9.70 28.49 -12.76
N GLY A 481 -8.65 27.69 -12.67
CA GLY A 481 -7.84 27.42 -13.84
C GLY A 481 -8.58 26.66 -14.92
N ASP A 482 -8.11 26.82 -16.17
CA ASP A 482 -8.72 26.16 -17.33
C ASP A 482 -10.20 26.51 -17.48
N GLY A 483 -10.58 27.73 -17.09
CA GLY A 483 -11.94 28.20 -17.26
C GLY A 483 -12.94 27.68 -16.24
N TYR A 484 -12.48 26.97 -15.21
CA TYR A 484 -13.39 26.41 -14.20
C TYR A 484 -13.74 27.45 -13.15
N TYR A 485 -14.40 28.51 -13.60
CA TYR A 485 -14.76 29.58 -12.69
C TYR A 485 -15.68 29.08 -11.58
N MET A 486 -16.52 28.07 -11.87
CA MET A 486 -17.44 27.53 -10.89
C MET A 486 -16.76 26.65 -9.84
N LEU A 487 -15.49 26.29 -10.02
CA LEU A 487 -14.73 25.56 -9.00
C LEU A 487 -13.87 26.47 -8.14
N LYS A 488 -13.93 27.78 -8.39
CA LYS A 488 -13.13 28.73 -7.61
C LYS A 488 -13.57 28.72 -6.15
N GLY A 489 -12.61 28.55 -5.24
CA GLY A 489 -12.87 28.47 -3.83
C GLY A 489 -12.63 29.77 -3.07
N ASP A 490 -13.31 29.89 -1.93
CA ASP A 490 -13.00 30.94 -1.00
C ASP A 490 -12.98 30.36 0.42
N SER A 491 -12.76 31.21 1.41
CA SER A 491 -12.62 30.70 2.77
C SER A 491 -13.86 29.94 3.22
N SER A 492 -15.03 30.26 2.65
CA SER A 492 -16.25 29.64 3.15
C SER A 492 -16.46 28.22 2.61
N ASN A 493 -15.78 27.83 1.53
CA ASN A 493 -16.08 26.53 0.95
C ASN A 493 -14.85 25.75 0.54
N HIS A 494 -13.65 26.22 0.87
CA HIS A 494 -12.43 25.66 0.29
C HIS A 494 -11.37 25.54 1.37
N SER A 495 -10.64 24.41 1.34
CA SER A 495 -9.55 24.15 2.28
C SER A 495 -8.30 23.73 1.50
N SER A 496 -7.18 24.38 1.79
CA SER A 496 -5.91 24.07 1.11
C SER A 496 -5.25 22.82 1.70
N GLY A 497 -4.87 21.90 0.83
CA GLY A 497 -4.34 20.61 1.23
C GLY A 497 -2.85 20.39 1.03
N ASP A 498 -2.48 19.16 0.72
CA ASP A 498 -1.10 18.71 0.73
C ASP A 498 -0.48 18.78 -0.67
N LEU A 499 0.86 18.86 -0.69
CA LEU A 499 1.64 18.87 -1.93
C LEU A 499 1.29 17.68 -2.83
N ASP A 500 1.02 17.98 -4.11
CA ASP A 500 0.58 16.94 -5.04
C ASP A 500 1.59 15.79 -5.14
N ILE A 501 2.89 16.09 -5.31
CA ILE A 501 3.82 14.97 -5.53
C ILE A 501 4.04 14.20 -4.25
N SER A 502 3.86 14.84 -3.10
CA SER A 502 3.92 14.11 -1.84
C SER A 502 2.74 13.14 -1.71
N ILE A 503 1.55 13.60 -2.08
CA ILE A 503 0.37 12.72 -2.11
C ILE A 503 0.63 11.50 -2.99
N VAL A 504 1.04 11.73 -4.23
CA VAL A 504 1.24 10.65 -5.18
C VAL A 504 2.41 9.77 -4.75
N GLY A 505 3.52 10.38 -4.31
CA GLY A 505 4.66 9.60 -3.85
C GLY A 505 4.34 8.69 -2.66
N ASP A 506 3.57 9.21 -1.69
CA ASP A 506 3.21 8.40 -0.52
C ASP A 506 2.41 7.17 -0.93
N TYR A 507 1.48 7.33 -1.87
CA TYR A 507 0.63 6.23 -2.31
C TYR A 507 1.46 5.19 -3.05
N ILE A 508 2.32 5.63 -3.97
CA ILE A 508 3.20 4.70 -4.67
C ILE A 508 4.11 3.97 -3.67
N LYS A 509 4.63 4.69 -2.68
CA LYS A 509 5.49 4.05 -1.69
C LYS A 509 4.74 2.95 -0.96
N ARG A 510 3.51 3.23 -0.57
CA ARG A 510 2.69 2.22 0.10
C ARG A 510 2.35 1.06 -0.80
N MET A 511 1.92 1.33 -2.03
CA MET A 511 1.56 0.22 -2.91
C MET A 511 2.75 -0.61 -3.31
N GLY A 512 3.93 0.01 -3.48
CA GLY A 512 5.12 -0.74 -3.87
C GLY A 512 5.16 -1.03 -5.35
N LYS A 513 4.16 -1.75 -5.87
CA LYS A 513 3.93 -1.93 -7.30
C LYS A 513 2.59 -1.31 -7.65
N VAL A 514 2.54 -0.49 -8.70
CA VAL A 514 1.26 0.05 -9.17
C VAL A 514 0.99 -0.46 -10.59
N PHE A 515 -0.32 -0.57 -10.90
CA PHE A 515 -0.80 -1.10 -12.17
C PHE A 515 -2.17 -0.53 -12.49
N PRO A 516 -2.35 0.80 -12.49
CA PRO A 516 -3.69 1.34 -12.69
C PRO A 516 -4.22 1.05 -14.10
N ALA A 517 -5.53 0.79 -14.16
CA ALA A 517 -6.21 0.49 -15.40
C ALA A 517 -7.09 1.65 -15.86
N MET A 518 -7.45 1.63 -17.14
CA MET A 518 -8.65 2.33 -17.62
C MET A 518 -9.83 1.44 -17.30
N GLU A 519 -10.73 1.90 -16.43
CA GLU A 519 -11.79 1.01 -15.95
C GLU A 519 -13.20 1.52 -16.22
N GLY A 520 -13.37 2.56 -17.05
CA GLY A 520 -14.70 3.05 -17.32
C GLY A 520 -15.23 4.08 -16.34
N ARG A 521 -14.33 4.76 -15.60
CA ARG A 521 -14.77 5.86 -14.73
C ARG A 521 -15.47 6.95 -15.52
N MET A 522 -15.03 7.18 -16.75
CA MET A 522 -15.81 7.97 -17.71
C MET A 522 -16.11 7.09 -18.91
N VAL A 523 -17.32 7.25 -19.44
CA VAL A 523 -17.81 6.53 -20.62
C VAL A 523 -18.32 7.54 -21.64
N PHE A 524 -17.92 7.37 -22.90
CA PHE A 524 -18.43 8.21 -23.97
C PHE A 524 -19.47 7.40 -24.73
N SER A 525 -20.73 7.74 -24.51
CA SER A 525 -21.85 7.10 -25.16
C SER A 525 -21.80 7.29 -26.67
N ALA A 526 -22.16 6.25 -27.42
CA ALA A 526 -22.26 6.36 -28.87
C ALA A 526 -23.54 7.09 -29.30
N GLY A 527 -24.42 7.44 -28.36
CA GLY A 527 -25.59 8.24 -28.65
C GLY A 527 -26.64 7.49 -29.47
N SER A 528 -27.46 8.26 -30.16
CA SER A 528 -28.54 7.73 -30.98
C SER A 528 -28.01 6.91 -32.15
N GLY B 1 29.86 -57.23 -3.78
CA GLY B 1 30.37 -55.88 -3.98
C GLY B 1 29.28 -54.87 -4.23
N SER B 2 28.09 -55.15 -3.70
CA SER B 2 26.94 -54.26 -3.87
C SER B 2 26.95 -53.17 -2.83
N PHE B 3 26.18 -52.12 -3.12
CA PHE B 3 26.06 -50.96 -2.25
C PHE B 3 24.58 -50.68 -2.07
N GLU B 4 24.12 -50.77 -0.82
CA GLU B 4 22.72 -50.50 -0.49
C GLU B 4 22.57 -49.11 0.11
N LEU B 5 21.67 -48.32 -0.46
CA LEU B 5 21.46 -46.95 -0.03
C LEU B 5 19.99 -46.78 0.28
N THR B 6 19.69 -46.21 1.45
CA THR B 6 18.33 -45.89 1.86
C THR B 6 18.10 -44.39 1.67
N ILE B 7 17.13 -44.04 0.83
CA ILE B 7 16.79 -42.64 0.56
C ILE B 7 15.50 -42.30 1.31
N LEU B 8 15.61 -41.39 2.26
CA LEU B 8 14.47 -40.77 2.95
C LEU B 8 14.18 -39.43 2.30
N HIS B 9 12.92 -39.13 1.99
CA HIS B 9 12.67 -37.90 1.24
C HIS B 9 11.33 -37.25 1.58
N THR B 10 11.31 -35.91 1.51
CA THR B 10 10.11 -35.11 1.67
C THR B 10 10.01 -34.11 0.52
N ASN B 11 8.79 -33.69 0.22
CA ASN B 11 8.56 -32.67 -0.79
C ASN B 11 7.25 -31.96 -0.46
N ASP B 12 7.18 -30.68 -0.83
CA ASP B 12 5.94 -29.90 -0.66
C ASP B 12 5.39 -30.02 0.77
N VAL B 13 6.29 -30.00 1.74
CA VAL B 13 5.89 -29.99 3.14
C VAL B 13 4.99 -28.79 3.42
N HIS B 14 5.27 -27.66 2.77
CA HIS B 14 4.42 -26.47 2.80
C HIS B 14 4.01 -26.04 4.21
N ALA B 15 5.02 -25.87 5.07
CA ALA B 15 4.86 -25.20 6.36
C ALA B 15 3.94 -25.96 7.33
N ARG B 16 3.78 -27.27 7.15
CA ARG B 16 3.08 -28.09 8.14
C ARG B 16 4.13 -28.47 9.19
N LEU B 17 4.36 -27.57 10.13
CA LEU B 17 5.34 -27.80 11.21
C LEU B 17 4.73 -28.65 12.32
N GLU B 18 3.55 -28.28 12.79
CA GLU B 18 2.86 -29.10 13.76
C GLU B 18 2.14 -30.25 13.04
N GLN B 19 1.83 -31.30 13.79
CA GLN B 19 1.04 -32.38 13.20
C GLN B 19 -0.30 -31.84 12.74
N THR B 20 -0.93 -32.56 11.81
CA THR B 20 -2.09 -32.06 11.08
C THR B 20 -3.24 -33.05 11.14
N SER B 21 -4.43 -32.59 10.72
CA SER B 21 -5.53 -33.50 10.45
C SER B 21 -5.21 -34.43 9.28
N ARG B 22 -6.12 -35.39 9.04
CA ARG B 22 -5.92 -36.33 7.93
C ARG B 22 -5.80 -35.59 6.60
N ASP B 23 -6.55 -34.50 6.43
CA ASP B 23 -6.49 -33.70 5.22
C ASP B 23 -5.47 -32.59 5.28
N SER B 24 -4.52 -32.68 6.22
CA SER B 24 -3.37 -31.79 6.35
C SER B 24 -3.76 -30.37 6.79
N GLY B 25 -4.92 -30.19 7.41
CA GLY B 25 -5.27 -28.96 8.07
C GLY B 25 -4.95 -29.04 9.55
N LYS B 26 -5.57 -28.15 10.32
CA LYS B 26 -5.36 -28.13 11.77
C LYS B 26 -5.78 -29.45 12.38
N CYS B 27 -4.93 -30.05 13.22
CA CYS B 27 -5.36 -31.26 13.91
C CYS B 27 -6.14 -30.88 15.16
N THR B 28 -7.43 -31.19 15.14
CA THR B 28 -8.34 -31.04 16.25
C THR B 28 -8.81 -32.38 16.79
N GLY B 29 -8.78 -33.42 15.95
CA GLY B 29 -9.32 -34.69 16.33
C GLY B 29 -8.32 -35.57 17.04
N GLU B 30 -8.75 -36.78 17.27
CA GLU B 30 -7.96 -37.78 17.90
C GLU B 30 -6.82 -38.34 17.00
N ASP B 31 -7.04 -38.28 15.69
CA ASP B 31 -6.11 -38.78 14.71
C ASP B 31 -5.35 -37.67 14.00
N CYS B 32 -4.07 -37.54 14.37
CA CYS B 32 -3.19 -36.55 13.79
C CYS B 32 -2.06 -37.21 13.00
N TYR B 33 -1.42 -36.40 12.15
CA TYR B 33 -0.47 -36.92 11.17
C TYR B 33 0.69 -35.96 10.97
N GLY B 34 1.79 -36.51 10.50
CA GLY B 34 2.89 -35.66 10.08
C GLY B 34 3.44 -34.82 11.21
N GLY B 35 3.88 -33.61 10.87
CA GLY B 35 4.58 -32.72 11.78
C GLY B 35 6.06 -33.04 11.84
N VAL B 36 6.92 -32.07 12.17
CA VAL B 36 8.36 -32.35 12.18
C VAL B 36 8.75 -33.28 13.34
N ALA B 37 8.03 -33.24 14.46
CA ALA B 37 8.43 -34.08 15.59
C ALA B 37 8.28 -35.55 15.26
N ARG B 38 7.19 -35.92 14.59
CA ARG B 38 7.00 -37.31 14.21
C ARG B 38 7.97 -37.70 13.09
N ARG B 39 8.25 -36.77 12.18
CA ARG B 39 9.23 -37.08 11.15
C ARG B 39 10.60 -37.34 11.76
N ALA B 40 10.97 -36.55 12.78
CA ALA B 40 12.26 -36.73 13.44
C ALA B 40 12.40 -38.11 14.05
N THR B 41 11.36 -38.59 14.73
CA THR B 41 11.41 -39.92 15.32
C THR B 41 11.73 -40.97 14.27
N LYS B 42 10.99 -40.96 13.15
CA LYS B 42 11.14 -42.00 12.15
C LYS B 42 12.50 -41.91 11.48
N ILE B 43 12.95 -40.69 11.14
CA ILE B 43 14.27 -40.50 10.55
C ILE B 43 15.35 -41.07 11.48
N ARG B 44 15.26 -40.74 12.77
CA ARG B 44 16.25 -41.24 13.73
C ARG B 44 16.22 -42.75 13.84
N GLN B 45 15.03 -43.36 13.85
CA GLN B 45 14.96 -44.80 13.97
C GLN B 45 15.56 -45.48 12.75
N ILE B 46 15.29 -44.95 11.57
CA ILE B 46 15.84 -45.54 10.36
C ILE B 46 17.36 -45.40 10.32
N ARG B 47 17.88 -44.21 10.68
CA ARG B 47 19.32 -44.03 10.71
C ARG B 47 20.00 -44.99 11.67
N ALA B 48 19.32 -45.38 12.75
CA ALA B 48 19.95 -46.25 13.74
C ALA B 48 20.00 -47.70 13.29
N SER B 49 19.10 -48.13 12.43
CA SER B 49 19.02 -49.53 12.03
C SER B 49 19.43 -49.78 10.59
N HIS B 50 19.58 -48.72 9.79
CA HIS B 50 19.97 -48.80 8.39
C HIS B 50 21.35 -48.18 8.23
N ARG B 51 22.20 -48.83 7.44
CA ARG B 51 23.61 -48.42 7.40
C ARG B 51 23.83 -47.13 6.62
N ASN B 52 23.35 -47.06 5.40
CA ASN B 52 23.66 -45.96 4.49
C ASN B 52 22.38 -45.19 4.20
N VAL B 53 22.25 -43.99 4.78
CA VAL B 53 21.00 -43.23 4.71
C VAL B 53 21.27 -41.82 4.22
N LEU B 54 20.49 -41.38 3.24
CA LEU B 54 20.45 -39.99 2.80
C LEU B 54 19.05 -39.44 3.06
N LEU B 55 18.97 -38.20 3.54
CA LEU B 55 17.70 -37.53 3.77
C LEU B 55 17.62 -36.32 2.86
N LEU B 56 16.64 -36.32 1.94
CA LEU B 56 16.56 -35.31 0.89
C LEU B 56 15.21 -34.60 0.93
N ASP B 57 15.21 -33.33 0.54
CA ASP B 57 13.98 -32.58 0.35
C ASP B 57 13.94 -32.05 -1.06
N ALA B 58 12.81 -32.24 -1.75
CA ALA B 58 12.64 -31.81 -3.13
C ALA B 58 11.92 -30.46 -3.27
N GLY B 59 11.95 -29.61 -2.24
CA GLY B 59 11.49 -28.24 -2.40
C GLY B 59 10.09 -28.00 -1.84
N ASP B 60 9.77 -26.71 -1.74
CA ASP B 60 8.46 -26.22 -1.27
C ASP B 60 8.27 -26.56 0.21
N GLN B 61 9.31 -26.29 1.00
CA GLN B 61 9.12 -26.17 2.45
C GLN B 61 8.43 -24.86 2.80
N TYR B 62 8.76 -23.79 2.06
CA TYR B 62 8.13 -22.49 2.20
C TYR B 62 6.64 -22.54 1.86
N GLN B 63 5.84 -21.70 2.55
CA GLN B 63 4.45 -21.37 2.23
C GLN B 63 3.44 -22.44 2.56
N GLY B 64 2.37 -22.08 3.28
CA GLY B 64 1.27 -23.00 3.48
C GLY B 64 0.47 -22.79 4.74
N THR B 65 1.08 -22.20 5.76
CA THR B 65 0.42 -21.93 7.04
C THR B 65 0.95 -20.62 7.61
N ILE B 66 0.32 -20.15 8.69
CA ILE B 66 0.81 -18.95 9.36
C ILE B 66 2.21 -19.14 9.94
N TRP B 67 2.66 -20.40 10.11
CA TRP B 67 4.04 -20.63 10.55
C TRP B 67 5.02 -19.95 9.59
N PHE B 68 4.78 -20.08 8.28
CA PHE B 68 5.64 -19.41 7.32
C PHE B 68 5.39 -17.91 7.29
N ASN B 69 4.14 -17.47 7.45
CA ASN B 69 3.87 -16.03 7.46
C ASN B 69 4.67 -15.33 8.53
N TYR B 70 4.83 -15.96 9.69
CA TYR B 70 5.44 -15.32 10.85
C TYR B 70 6.95 -15.56 10.91
N TYR B 71 7.38 -16.81 10.78
CA TYR B 71 8.78 -17.15 10.91
C TYR B 71 9.57 -16.95 9.61
N LYS B 72 8.88 -16.89 8.47
CA LYS B 72 9.45 -16.48 7.18
C LYS B 72 10.64 -17.33 6.76
N GLY B 73 10.58 -18.62 7.06
CA GLY B 73 11.61 -19.56 6.68
C GLY B 73 12.57 -19.92 7.78
N ARG B 74 12.60 -19.15 8.88
CA ARG B 74 13.44 -19.54 10.00
C ARG B 74 13.00 -20.87 10.56
N GLU B 75 11.71 -21.20 10.42
CA GLU B 75 11.20 -22.48 10.90
C GLU B 75 11.72 -23.61 10.02
N VAL B 76 11.91 -23.33 8.73
CA VAL B 76 12.50 -24.31 7.81
C VAL B 76 13.96 -24.55 8.18
N VAL B 77 14.74 -23.47 8.30
CA VAL B 77 16.13 -23.58 8.72
C VAL B 77 16.24 -24.40 10.00
N HIS B 78 15.44 -24.03 11.00
CA HIS B 78 15.64 -24.62 12.33
C HIS B 78 15.49 -26.15 12.30
N PHE B 79 14.38 -26.63 11.76
CA PHE B 79 14.07 -28.05 11.87
C PHE B 79 14.73 -28.88 10.78
N MET B 80 14.95 -28.34 9.58
CA MET B 80 15.74 -29.09 8.61
C MET B 80 17.18 -29.27 9.09
N ASN B 81 17.73 -28.26 9.77
CA ASN B 81 19.04 -28.42 10.39
C ASN B 81 18.98 -29.47 11.49
N SER B 82 17.96 -29.38 12.35
CA SER B 82 17.86 -30.29 13.48
C SER B 82 17.63 -31.73 13.04
N LEU B 83 16.89 -31.93 11.94
CA LEU B 83 16.67 -33.27 11.40
C LEU B 83 17.81 -33.73 10.51
N ARG B 84 18.78 -32.84 10.25
CA ARG B 84 20.01 -33.15 9.53
C ARG B 84 19.73 -33.66 8.11
N TYR B 85 19.00 -32.84 7.36
CA TYR B 85 18.86 -33.07 5.94
C TYR B 85 20.24 -33.08 5.29
N ASP B 86 20.42 -33.93 4.28
CA ASP B 86 21.69 -33.97 3.54
C ASP B 86 21.70 -33.07 2.31
N ALA B 87 20.55 -32.74 1.75
CA ALA B 87 20.48 -31.83 0.63
C ALA B 87 19.04 -31.41 0.44
N MET B 88 18.85 -30.25 -0.18
CA MET B 88 17.52 -29.76 -0.54
C MET B 88 17.59 -29.10 -1.91
N ALA B 89 16.62 -29.42 -2.76
CA ALA B 89 16.43 -28.70 -4.01
C ALA B 89 15.37 -27.60 -3.83
N LEU B 90 15.55 -26.49 -4.52
CA LEU B 90 14.61 -25.38 -4.40
C LEU B 90 13.31 -25.68 -5.15
N GLY B 91 12.18 -25.36 -4.51
CA GLY B 91 10.88 -25.36 -5.16
C GLY B 91 10.46 -23.96 -5.57
N ASN B 92 9.33 -23.86 -6.27
CA ASN B 92 8.86 -22.53 -6.66
C ASN B 92 8.57 -21.68 -5.43
N HIS B 93 8.02 -22.28 -4.37
CA HIS B 93 7.62 -21.41 -3.26
C HIS B 93 8.79 -20.89 -2.43
N GLU B 94 10.00 -21.45 -2.58
CA GLU B 94 11.15 -20.83 -1.92
C GLU B 94 11.48 -19.46 -2.50
N PHE B 95 10.84 -19.03 -3.58
CA PHE B 95 11.05 -17.68 -4.09
C PHE B 95 9.90 -16.76 -3.72
N ASP B 96 8.99 -17.18 -2.83
CA ASP B 96 7.80 -16.39 -2.57
C ASP B 96 8.14 -15.03 -1.98
N ASN B 97 9.14 -14.97 -1.11
CA ASN B 97 9.57 -13.70 -0.53
C ASN B 97 10.74 -13.08 -1.29
N GLY B 98 10.88 -13.40 -2.58
CA GLY B 98 11.93 -12.82 -3.39
C GLY B 98 13.29 -13.42 -3.08
N LEU B 99 14.31 -12.93 -3.79
CA LEU B 99 15.65 -13.45 -3.57
C LEU B 99 16.17 -13.08 -2.19
N ASN B 100 15.80 -11.90 -1.70
CA ASN B 100 16.22 -11.47 -0.37
C ASN B 100 15.62 -12.38 0.70
N GLY B 101 14.37 -12.78 0.52
CA GLY B 101 13.72 -13.68 1.46
C GLY B 101 14.11 -15.13 1.34
N LEU B 102 14.86 -15.47 0.28
CA LEU B 102 15.49 -16.78 0.14
C LEU B 102 16.89 -16.74 0.76
N LEU B 103 17.67 -15.72 0.42
CA LEU B 103 18.99 -15.50 1.03
C LEU B 103 18.90 -15.56 2.54
N ASP B 104 18.02 -14.73 3.10
CA ASP B 104 17.79 -14.61 4.53
C ASP B 104 16.33 -15.00 4.78
N PRO B 105 16.11 -16.10 5.51
CA PRO B 105 17.10 -16.86 6.29
C PRO B 105 17.68 -18.13 5.67
N LEU B 106 17.10 -18.68 4.59
CA LEU B 106 17.39 -20.06 4.23
C LEU B 106 18.85 -20.26 3.79
N LEU B 107 19.30 -19.51 2.77
CA LEU B 107 20.59 -19.82 2.17
C LEU B 107 21.75 -19.59 3.11
N LYS B 108 21.63 -18.63 4.04
CA LYS B 108 22.77 -18.30 4.89
C LYS B 108 22.86 -19.15 6.14
N ASN B 109 21.84 -19.93 6.46
CA ASN B 109 21.84 -20.61 7.74
C ASN B 109 21.59 -22.12 7.69
N VAL B 110 21.29 -22.68 6.52
CA VAL B 110 21.20 -24.14 6.43
C VAL B 110 22.58 -24.75 6.59
N LYS B 111 22.61 -25.98 7.08
CA LYS B 111 23.83 -26.74 7.28
C LYS B 111 24.01 -27.80 6.20
N PHE B 112 23.25 -27.71 5.11
CA PHE B 112 23.26 -28.68 4.03
C PHE B 112 23.24 -27.93 2.71
N PRO B 113 23.69 -28.55 1.62
CA PRO B 113 23.71 -27.85 0.32
C PRO B 113 22.31 -27.61 -0.22
N ILE B 114 22.15 -26.46 -0.86
CA ILE B 114 20.92 -26.07 -1.56
C ILE B 114 21.20 -26.20 -3.06
N LEU B 115 20.36 -26.95 -3.77
CA LEU B 115 20.68 -27.35 -5.14
C LEU B 115 19.62 -26.91 -6.13
N SER B 116 20.09 -26.42 -7.27
CA SER B 116 19.26 -26.17 -8.45
C SER B 116 20.18 -25.91 -9.62
N ALA B 117 20.27 -26.88 -10.54
CA ALA B 117 21.23 -26.80 -11.65
C ALA B 117 20.74 -25.94 -12.82
N ASN B 118 19.44 -25.70 -12.94
CA ASN B 118 18.90 -25.03 -14.13
C ASN B 118 18.55 -23.57 -13.88
N ILE B 119 19.11 -22.94 -12.85
CA ILE B 119 19.00 -21.49 -12.67
C ILE B 119 20.24 -20.82 -13.24
N ARG B 120 20.05 -19.67 -13.88
CA ARG B 120 21.17 -18.90 -14.43
C ARG B 120 20.99 -17.44 -14.03
N PRO B 121 21.89 -16.85 -13.28
CA PRO B 121 21.77 -15.46 -12.86
C PRO B 121 22.11 -14.40 -13.90
N LYS B 122 21.48 -13.23 -13.81
CA LYS B 122 21.68 -12.15 -14.75
C LYS B 122 22.10 -10.81 -14.19
N GLY B 123 22.06 -10.63 -12.90
CA GLY B 123 22.60 -9.41 -12.32
C GLY B 123 23.43 -9.66 -11.07
N PRO B 124 24.06 -8.61 -10.53
CA PRO B 124 24.98 -8.82 -9.39
C PRO B 124 24.29 -9.27 -8.10
N ILE B 125 23.06 -8.85 -7.87
CA ILE B 125 22.37 -9.36 -6.70
C ILE B 125 21.94 -10.78 -7.02
N ALA B 126 21.37 -11.01 -8.19
CA ALA B 126 20.93 -12.37 -8.43
C ALA B 126 22.15 -13.29 -8.57
N SER B 127 23.32 -12.71 -8.86
CA SER B 127 24.53 -13.50 -8.99
C SER B 127 25.06 -13.95 -7.63
N ASN B 128 25.25 -13.02 -6.69
CA ASN B 128 25.82 -13.43 -5.42
C ASN B 128 24.87 -14.28 -4.59
N ILE B 129 23.56 -14.21 -4.86
CA ILE B 129 22.65 -15.12 -4.18
C ILE B 129 22.73 -16.51 -4.81
N SER B 130 22.95 -16.59 -6.12
CA SER B 130 23.14 -17.91 -6.73
C SER B 130 24.48 -18.53 -6.30
N GLY B 131 25.42 -17.72 -5.81
CA GLY B 131 26.69 -18.26 -5.33
C GLY B 131 26.53 -19.17 -4.13
N TYR B 132 25.37 -19.10 -3.46
CA TYR B 132 25.01 -19.94 -2.34
C TYR B 132 24.35 -21.23 -2.78
N ILE B 133 23.91 -21.28 -4.04
CA ILE B 133 23.21 -22.43 -4.61
C ILE B 133 24.17 -23.17 -5.52
N LEU B 134 24.19 -24.47 -5.44
CA LEU B 134 25.04 -25.31 -6.27
C LEU B 134 24.23 -26.09 -7.30
N PRO B 135 24.81 -26.39 -8.48
CA PRO B 135 24.10 -27.31 -9.40
C PRO B 135 24.03 -28.73 -8.86
N TYR B 136 25.08 -29.20 -8.19
CA TYR B 136 25.11 -30.55 -7.65
C TYR B 136 26.02 -30.59 -6.44
N LYS B 137 25.93 -31.67 -5.68
CA LYS B 137 26.86 -31.94 -4.60
C LYS B 137 27.22 -33.42 -4.58
N ILE B 138 28.49 -33.72 -4.35
CA ILE B 138 28.92 -35.10 -4.11
C ILE B 138 28.96 -35.33 -2.61
N ILE B 139 28.28 -36.37 -2.16
CA ILE B 139 28.12 -36.64 -0.74
C ILE B 139 28.76 -37.99 -0.44
N ASN B 140 29.59 -38.03 0.59
CA ASN B 140 30.19 -39.29 1.04
C ASN B 140 29.17 -40.08 1.83
N VAL B 141 28.86 -41.29 1.37
CA VAL B 141 27.93 -42.19 2.03
C VAL B 141 28.64 -43.52 2.24
N GLY B 142 28.96 -43.82 3.50
CA GLY B 142 29.80 -44.97 3.78
C GLY B 142 31.13 -44.78 3.10
N SER B 143 31.59 -45.80 2.39
CA SER B 143 32.82 -45.69 1.63
C SER B 143 32.55 -45.28 0.18
N GLU B 144 31.34 -44.83 -0.14
CA GLU B 144 30.99 -44.49 -1.50
C GLU B 144 30.68 -43.01 -1.62
N LYS B 145 30.59 -42.56 -2.87
CA LYS B 145 30.26 -41.18 -3.22
C LYS B 145 28.97 -41.19 -4.02
N VAL B 146 28.04 -40.29 -3.65
CA VAL B 146 26.77 -40.15 -4.34
C VAL B 146 26.60 -38.70 -4.77
N GLY B 147 26.37 -38.50 -6.06
CA GLY B 147 26.17 -37.18 -6.61
C GLY B 147 24.67 -36.90 -6.70
N ILE B 148 24.29 -35.69 -6.28
CA ILE B 148 22.91 -35.22 -6.28
C ILE B 148 22.83 -33.95 -7.11
N ILE B 149 22.00 -33.95 -8.16
CA ILE B 149 21.83 -32.80 -9.04
C ILE B 149 20.44 -32.21 -8.78
N GLY B 150 20.37 -30.89 -8.59
CA GLY B 150 19.13 -30.22 -8.29
C GLY B 150 18.46 -29.65 -9.54
N TYR B 151 17.14 -29.43 -9.45
CA TYR B 151 16.43 -28.75 -10.51
C TYR B 151 15.16 -28.11 -9.96
N THR B 152 14.70 -27.05 -10.64
CA THR B 152 13.55 -26.27 -10.20
C THR B 152 12.65 -25.95 -11.39
N THR B 153 11.33 -26.03 -11.19
CA THR B 153 10.39 -25.83 -12.28
C THR B 153 10.61 -24.49 -13.00
N LYS B 154 10.49 -24.54 -14.32
CA LYS B 154 10.60 -23.37 -15.17
C LYS B 154 9.44 -22.40 -15.00
N GLU B 155 8.37 -22.81 -14.32
CA GLU B 155 7.27 -21.88 -14.07
C GLU B 155 7.50 -20.97 -12.86
N THR B 156 8.63 -21.12 -12.17
CA THR B 156 8.90 -20.31 -11.00
C THR B 156 8.72 -18.81 -11.23
N PRO B 157 9.13 -18.21 -12.37
CA PRO B 157 8.89 -16.77 -12.55
C PRO B 157 7.44 -16.35 -12.62
N VAL B 158 6.52 -17.24 -13.02
CA VAL B 158 5.11 -16.87 -13.00
C VAL B 158 4.45 -17.27 -11.68
N LEU B 159 4.93 -18.35 -11.06
CA LEU B 159 4.33 -18.81 -9.82
C LEU B 159 4.86 -18.11 -8.58
N SER B 160 6.05 -17.51 -8.66
CA SER B 160 6.68 -16.97 -7.47
C SER B 160 7.42 -15.69 -7.84
N ASN B 161 8.33 -15.26 -6.96
CA ASN B 161 8.95 -13.95 -7.12
C ASN B 161 10.47 -13.98 -7.24
N PRO B 162 11.04 -14.77 -8.16
CA PRO B 162 12.50 -14.73 -8.32
C PRO B 162 12.99 -13.42 -8.89
N GLY B 163 12.13 -12.67 -9.55
CA GLY B 163 12.50 -11.43 -10.20
C GLY B 163 13.01 -11.71 -11.60
N PRO B 164 13.25 -10.64 -12.36
CA PRO B 164 13.63 -10.84 -13.77
C PRO B 164 15.07 -11.28 -13.98
N TYR B 165 15.92 -11.27 -12.95
CA TYR B 165 17.34 -11.52 -13.13
C TYR B 165 17.77 -12.93 -12.77
N LEU B 166 16.82 -13.84 -12.59
CA LEU B 166 17.14 -15.25 -12.39
C LEU B 166 16.35 -16.00 -13.43
N GLU B 167 17.05 -16.66 -14.34
CA GLU B 167 16.40 -17.40 -15.42
C GLU B 167 16.45 -18.90 -15.14
N PHE B 168 15.36 -19.57 -15.52
CA PHE B 168 15.19 -21.00 -15.28
C PHE B 168 15.28 -21.69 -16.63
N ARG B 169 16.23 -22.62 -16.77
CA ARG B 169 16.56 -23.26 -18.03
C ARG B 169 15.92 -24.66 -18.11
N ASP B 170 16.05 -25.31 -19.26
CA ASP B 170 15.48 -26.65 -19.42
C ASP B 170 16.18 -27.65 -18.52
N GLU B 171 15.39 -28.47 -17.81
CA GLU B 171 15.92 -29.41 -16.83
C GLU B 171 16.80 -30.49 -17.49
N VAL B 172 16.32 -31.11 -18.57
CA VAL B 172 17.07 -32.20 -19.20
C VAL B 172 18.39 -31.69 -19.75
N GLU B 173 18.35 -30.54 -20.42
CA GLU B 173 19.56 -29.95 -20.99
C GLU B 173 20.60 -29.70 -19.90
N GLU B 174 20.20 -29.06 -18.81
CA GLU B 174 21.16 -28.71 -17.76
C GLU B 174 21.59 -29.93 -16.95
N LEU B 175 20.66 -30.84 -16.63
CA LEU B 175 21.02 -32.03 -15.85
C LEU B 175 21.99 -32.94 -16.61
N GLN B 176 21.85 -33.04 -17.93
CA GLN B 176 22.78 -33.88 -18.68
C GLN B 176 24.20 -33.34 -18.60
N LYS B 177 24.36 -32.01 -18.53
CA LYS B 177 25.70 -31.45 -18.42
C LYS B 177 26.34 -31.85 -17.09
N HIS B 178 25.58 -31.80 -16.01
CA HIS B 178 26.16 -32.09 -14.71
C HIS B 178 26.27 -33.58 -14.45
N ALA B 179 25.38 -34.40 -15.03
CA ALA B 179 25.59 -35.85 -14.98
C ALA B 179 26.90 -36.20 -15.68
N ASP B 180 27.17 -35.59 -16.84
CA ASP B 180 28.42 -35.87 -17.53
C ASP B 180 29.62 -35.42 -16.71
N LYS B 181 29.50 -34.29 -16.01
CA LYS B 181 30.59 -33.83 -15.15
C LYS B 181 30.83 -34.83 -14.03
N LEU B 182 29.77 -35.21 -13.32
CA LEU B 182 29.90 -36.19 -12.25
C LEU B 182 30.54 -37.48 -12.75
N THR B 183 30.12 -37.96 -13.94
CA THR B 183 30.69 -39.19 -14.47
C THR B 183 32.19 -39.05 -14.70
N THR B 184 32.63 -37.93 -15.28
CA THR B 184 34.05 -37.77 -15.53
C THR B 184 34.83 -37.60 -14.22
N LEU B 185 34.20 -37.05 -13.19
CA LEU B 185 34.83 -36.94 -11.88
C LEU B 185 34.85 -38.26 -11.11
N GLY B 186 34.36 -39.34 -11.70
CA GLY B 186 34.42 -40.65 -11.07
C GLY B 186 33.23 -41.02 -10.21
N VAL B 187 32.14 -40.27 -10.28
CA VAL B 187 30.96 -40.58 -9.48
C VAL B 187 30.00 -41.41 -10.34
N ASN B 188 29.71 -42.64 -9.91
CA ASN B 188 28.86 -43.51 -10.72
C ASN B 188 27.47 -43.71 -10.13
N LYS B 189 27.13 -42.98 -9.08
CA LYS B 189 25.80 -43.03 -8.47
C LYS B 189 25.26 -41.61 -8.41
N ILE B 190 24.16 -41.38 -9.12
CA ILE B 190 23.65 -40.03 -9.31
C ILE B 190 22.16 -40.01 -9.04
N ILE B 191 21.74 -39.13 -8.12
CA ILE B 191 20.33 -38.89 -7.83
C ILE B 191 19.97 -37.53 -8.40
N ALA B 192 18.87 -37.46 -9.14
CA ALA B 192 18.32 -36.17 -9.54
C ALA B 192 17.25 -35.80 -8.52
N LEU B 193 17.41 -34.65 -7.88
CA LEU B 193 16.54 -34.18 -6.80
C LEU B 193 15.99 -32.84 -7.23
N GLY B 194 14.67 -32.73 -7.36
CA GLY B 194 14.22 -31.45 -7.87
C GLY B 194 12.72 -31.29 -7.86
N HIS B 195 12.31 -30.12 -8.36
CA HIS B 195 10.96 -29.62 -8.13
C HIS B 195 10.30 -29.17 -9.42
N SER B 196 9.93 -30.13 -10.29
CA SER B 196 9.25 -29.78 -11.54
C SER B 196 8.01 -30.62 -11.85
N GLY B 197 7.63 -31.57 -11.01
CA GLY B 197 6.42 -32.32 -11.23
C GLY B 197 6.72 -33.70 -11.78
N PHE B 198 5.75 -34.61 -11.60
CA PHE B 198 5.97 -36.03 -11.92
C PHE B 198 6.26 -36.26 -13.40
N MET B 199 5.53 -35.57 -14.29
CA MET B 199 5.79 -35.70 -15.72
C MET B 199 7.24 -35.35 -16.04
N GLU B 200 7.73 -34.22 -15.51
CA GLU B 200 9.12 -33.84 -15.77
C GLU B 200 10.10 -34.79 -15.11
N ASP B 201 9.80 -35.29 -13.89
CA ASP B 201 10.65 -36.28 -13.25
C ASP B 201 10.86 -37.50 -14.16
N CYS B 202 9.79 -37.98 -14.78
CA CYS B 202 9.90 -39.16 -15.65
C CYS B 202 10.68 -38.83 -16.92
N ARG B 203 10.51 -37.62 -17.46
CA ARG B 203 11.31 -37.20 -18.61
C ARG B 203 12.79 -37.19 -18.26
N ILE B 204 13.12 -36.69 -17.07
CA ILE B 204 14.51 -36.69 -16.61
C ILE B 204 15.01 -38.11 -16.48
N ALA B 205 14.23 -38.99 -15.84
CA ALA B 205 14.62 -40.38 -15.73
C ALA B 205 14.82 -41.01 -17.10
N GLN B 206 13.97 -40.65 -18.05
CA GLN B 206 14.05 -41.29 -19.36
C GLN B 206 15.25 -40.80 -20.15
N LYS B 207 15.53 -39.49 -20.11
CA LYS B 207 16.44 -38.88 -21.08
C LYS B 207 17.84 -38.54 -20.56
N VAL B 208 18.02 -38.33 -19.26
CA VAL B 208 19.33 -37.91 -18.77
C VAL B 208 20.16 -39.17 -18.53
N LYS B 209 21.12 -39.42 -19.40
CA LYS B 209 21.95 -40.60 -19.24
C LYS B 209 22.87 -40.43 -18.03
N GLY B 210 22.90 -41.46 -17.16
CA GLY B 210 23.64 -41.41 -15.93
C GLY B 210 22.81 -41.16 -14.67
N VAL B 211 21.56 -40.71 -14.82
CA VAL B 211 20.70 -40.59 -13.65
C VAL B 211 20.23 -41.98 -13.25
N ASP B 212 20.43 -42.34 -11.98
CA ASP B 212 20.02 -43.63 -11.42
C ASP B 212 18.69 -43.58 -10.69
N VAL B 213 18.36 -42.44 -10.08
CA VAL B 213 17.17 -42.28 -9.23
C VAL B 213 16.70 -40.86 -9.37
N VAL B 214 15.38 -40.64 -9.40
CA VAL B 214 14.82 -39.30 -9.43
C VAL B 214 13.93 -39.13 -8.20
N VAL B 215 14.18 -38.06 -7.43
CA VAL B 215 13.40 -37.73 -6.24
C VAL B 215 12.71 -36.40 -6.51
N GLY B 216 11.38 -36.40 -6.65
CA GLY B 216 10.67 -35.22 -7.14
C GLY B 216 9.65 -34.57 -6.23
N GLY B 217 8.88 -33.64 -6.79
CA GLY B 217 7.88 -32.92 -6.03
C GLY B 217 7.02 -32.05 -6.94
N HIS B 218 6.41 -31.00 -6.35
CA HIS B 218 5.62 -29.98 -7.04
C HIS B 218 4.20 -30.42 -7.37
N THR B 219 4.01 -31.67 -7.82
CA THR B 219 2.68 -32.17 -8.14
C THR B 219 2.03 -32.93 -7.00
N ASN B 220 2.66 -32.98 -5.82
CA ASN B 220 2.12 -33.70 -4.66
C ASN B 220 1.74 -35.13 -5.02
N THR B 221 2.58 -35.77 -5.85
CA THR B 221 2.22 -37.07 -6.37
C THR B 221 2.37 -38.13 -5.28
N PHE B 222 1.36 -38.99 -5.14
CA PHE B 222 1.39 -40.09 -4.19
C PHE B 222 1.57 -41.39 -4.96
N LEU B 223 2.64 -42.11 -4.64
CA LEU B 223 2.91 -43.43 -5.19
C LEU B 223 2.96 -44.46 -4.07
N TYR B 224 2.43 -45.66 -4.33
CA TYR B 224 2.44 -46.71 -3.32
C TYR B 224 2.37 -48.08 -3.99
N THR B 225 3.11 -49.04 -3.45
CA THR B 225 3.04 -50.42 -3.92
C THR B 225 2.20 -51.23 -2.94
N GLY B 226 1.06 -51.73 -3.41
CA GLY B 226 0.11 -52.42 -2.56
C GLY B 226 -1.01 -51.50 -2.12
N SER B 227 -1.74 -51.94 -1.12
CA SER B 227 -2.87 -51.16 -0.61
C SER B 227 -2.38 -50.01 0.26
N PRO B 228 -2.65 -48.76 -0.10
CA PRO B 228 -2.11 -47.61 0.65
C PRO B 228 -2.76 -47.50 2.03
N PRO B 229 -2.08 -46.87 2.99
CA PRO B 229 -2.56 -46.87 4.38
C PRO B 229 -3.51 -45.76 4.79
N SER B 230 -3.70 -44.72 3.98
CA SER B 230 -4.60 -43.64 4.34
C SER B 230 -5.56 -43.36 3.18
N ASN B 231 -6.01 -42.11 3.01
CA ASN B 231 -7.00 -41.81 1.99
C ASN B 231 -6.41 -41.26 0.68
N GLU B 232 -5.10 -41.03 0.60
CA GLU B 232 -4.51 -40.66 -0.68
C GLU B 232 -4.54 -41.86 -1.63
N VAL B 233 -4.84 -41.57 -2.89
CA VAL B 233 -4.93 -42.59 -3.92
C VAL B 233 -3.64 -42.59 -4.73
N ALA B 234 -3.06 -43.77 -4.91
CA ALA B 234 -1.78 -43.87 -5.59
C ALA B 234 -1.94 -43.65 -7.09
N ALA B 235 -1.09 -42.80 -7.66
CA ALA B 235 -1.02 -42.66 -9.11
C ALA B 235 -0.15 -43.74 -9.75
N GLY B 236 0.57 -44.51 -8.96
CA GLY B 236 1.37 -45.59 -9.51
C GLY B 236 2.10 -46.29 -8.39
N ASN B 237 2.87 -47.32 -8.77
CA ASN B 237 3.66 -48.03 -7.78
C ASN B 237 4.75 -47.14 -7.20
N TYR B 238 5.27 -47.54 -6.05
CA TYR B 238 6.44 -46.93 -5.42
C TYR B 238 7.58 -47.96 -5.34
N PRO B 239 8.72 -47.69 -5.99
CA PRO B 239 8.95 -46.51 -6.84
C PRO B 239 8.26 -46.68 -8.19
N PHE B 240 8.07 -45.59 -8.93
CA PHE B 240 7.63 -45.73 -10.32
C PHE B 240 8.86 -46.06 -11.14
N MET B 241 8.81 -47.17 -11.87
CA MET B 241 9.98 -47.65 -12.61
C MET B 241 9.89 -47.10 -14.02
N GLN B 242 10.63 -46.03 -14.30
CA GLN B 242 10.61 -45.44 -15.63
C GLN B 242 11.70 -46.08 -16.48
N LEU B 243 11.31 -46.57 -17.64
CA LEU B 243 12.27 -47.13 -18.57
C LEU B 243 13.06 -46.00 -19.19
N SER B 244 14.36 -46.03 -19.01
CA SER B 244 15.22 -45.00 -19.55
C SER B 244 15.47 -45.25 -21.03
N ASP B 245 16.02 -44.22 -21.71
CA ASP B 245 16.42 -44.39 -23.11
C ASP B 245 17.43 -45.53 -23.27
N ASP B 246 18.32 -45.73 -22.30
CA ASP B 246 19.32 -46.78 -22.46
C ASP B 246 18.87 -48.13 -21.92
N GLY B 247 17.60 -48.30 -21.61
CA GLY B 247 17.06 -49.62 -21.40
C GLY B 247 17.16 -50.14 -19.99
N ARG B 248 17.25 -49.26 -19.00
CA ARG B 248 17.21 -49.68 -17.61
C ARG B 248 16.02 -49.05 -16.92
N GLN B 249 15.67 -49.60 -15.77
CA GLN B 249 14.61 -49.03 -14.96
C GLN B 249 15.21 -48.00 -14.00
N VAL B 250 14.67 -46.79 -14.03
CA VAL B 250 15.11 -45.70 -13.17
C VAL B 250 13.99 -45.46 -12.15
N PRO B 251 14.23 -45.70 -10.86
CA PRO B 251 13.17 -45.42 -9.87
C PRO B 251 12.87 -43.94 -9.78
N VAL B 252 11.59 -43.61 -9.83
CA VAL B 252 11.10 -42.25 -9.67
C VAL B 252 10.18 -42.24 -8.46
N VAL B 253 10.46 -41.34 -7.51
CA VAL B 253 9.67 -41.26 -6.27
C VAL B 253 9.23 -39.84 -5.99
N GLN B 254 8.08 -39.73 -5.33
CA GLN B 254 7.59 -38.53 -4.68
C GLN B 254 6.88 -39.01 -3.43
N ALA B 255 6.56 -38.11 -2.51
CA ALA B 255 5.96 -38.53 -1.24
C ALA B 255 4.81 -37.60 -0.84
N TYR B 256 3.83 -37.48 -1.72
CA TYR B 256 2.63 -36.68 -1.54
C TYR B 256 3.01 -35.26 -1.13
N ALA B 257 2.58 -34.78 0.04
CA ALA B 257 2.82 -33.40 0.43
C ALA B 257 2.50 -33.25 1.93
N PHE B 258 2.81 -32.06 2.45
CA PHE B 258 2.36 -31.60 3.76
C PHE B 258 2.97 -32.40 4.90
N GLY B 259 4.06 -33.12 4.65
CA GLY B 259 4.73 -33.89 5.70
C GLY B 259 3.96 -35.09 6.23
N LYS B 260 2.90 -35.51 5.54
CA LYS B 260 2.08 -36.64 6.01
C LYS B 260 2.83 -37.97 5.93
N TYR B 261 3.70 -38.12 4.92
CA TYR B 261 4.49 -39.32 4.69
C TYR B 261 5.98 -38.97 4.71
N LEU B 262 6.79 -39.94 5.12
CA LEU B 262 8.22 -39.90 4.89
C LEU B 262 8.55 -40.86 3.76
N GLY B 263 9.06 -40.34 2.66
CA GLY B 263 9.54 -41.22 1.60
C GLY B 263 10.62 -42.16 2.12
N TYR B 264 10.60 -43.40 1.61
CA TYR B 264 11.50 -44.46 2.08
C TYR B 264 11.81 -45.38 0.90
N LEU B 265 13.00 -45.27 0.34
CA LEU B 265 13.38 -46.05 -0.83
C LEU B 265 14.70 -46.76 -0.58
N ASN B 266 14.71 -48.09 -0.66
CA ASN B 266 15.94 -48.86 -0.58
C ASN B 266 16.43 -49.19 -2.00
N VAL B 267 17.61 -48.69 -2.34
CA VAL B 267 18.22 -48.85 -3.65
C VAL B 267 19.47 -49.70 -3.50
N THR B 268 19.58 -50.75 -4.30
CA THR B 268 20.81 -51.54 -4.36
C THR B 268 21.51 -51.24 -5.68
N PHE B 269 22.78 -50.83 -5.60
CA PHE B 269 23.63 -50.60 -6.77
C PHE B 269 24.63 -51.74 -6.91
N ASP B 270 24.98 -52.08 -8.16
CA ASP B 270 26.12 -52.96 -8.35
C ASP B 270 27.40 -52.13 -8.30
N ASP B 271 28.56 -52.79 -8.46
CA ASP B 271 29.82 -52.07 -8.29
C ASP B 271 30.13 -51.11 -9.42
N LYS B 272 29.29 -51.00 -10.43
CA LYS B 272 29.47 -49.97 -11.44
C LYS B 272 28.46 -48.83 -11.31
N GLY B 273 27.65 -48.82 -10.25
CA GLY B 273 26.69 -47.75 -10.04
C GLY B 273 25.40 -47.91 -10.80
N LYS B 274 25.06 -49.13 -11.19
CA LYS B 274 23.80 -49.42 -11.85
C LYS B 274 22.81 -49.94 -10.81
N VAL B 275 21.59 -49.42 -10.83
CA VAL B 275 20.55 -49.88 -9.91
C VAL B 275 20.12 -51.29 -10.31
N ILE B 276 20.32 -52.26 -9.41
CA ILE B 276 19.86 -53.63 -9.64
C ILE B 276 18.62 -53.96 -8.81
N LYS B 277 18.24 -53.13 -7.85
CA LYS B 277 17.00 -53.32 -7.13
C LYS B 277 16.61 -52.01 -6.46
N ALA B 278 15.32 -51.70 -6.47
CA ALA B 278 14.80 -50.51 -5.79
C ALA B 278 13.40 -50.84 -5.27
N SER B 279 13.21 -50.69 -3.96
CA SER B 279 11.94 -51.06 -3.36
C SER B 279 11.73 -50.24 -2.09
N GLY B 280 10.47 -50.19 -1.66
CA GLY B 280 10.14 -49.41 -0.47
C GLY B 280 8.68 -49.01 -0.52
N ASN B 281 8.37 -47.92 0.18
CA ASN B 281 7.03 -47.35 0.26
C ASN B 281 7.10 -46.14 1.18
N PRO B 282 6.36 -45.06 0.89
CA PRO B 282 6.33 -43.93 1.83
C PRO B 282 5.73 -44.37 3.15
N ILE B 283 6.29 -43.85 4.24
CA ILE B 283 5.88 -44.23 5.59
C ILE B 283 4.81 -43.25 6.06
N LEU B 284 3.60 -43.74 6.35
CA LEU B 284 2.57 -42.87 6.88
C LEU B 284 2.97 -42.45 8.30
N LEU B 285 3.07 -41.14 8.53
CA LEU B 285 3.43 -40.62 9.86
C LEU B 285 2.15 -40.43 10.65
N ASN B 286 1.60 -41.53 11.19
CA ASN B 286 0.37 -41.46 11.99
C ASN B 286 0.69 -41.66 13.47
N LYS B 287 -0.37 -41.75 14.29
CA LYS B 287 -0.23 -41.86 15.74
C LYS B 287 0.64 -43.03 16.17
N SER B 288 0.81 -44.07 15.36
CA SER B 288 1.66 -45.18 15.77
C SER B 288 3.13 -44.76 15.91
N ILE B 289 3.52 -43.63 15.34
CA ILE B 289 4.88 -43.12 15.48
C ILE B 289 4.87 -41.98 16.49
N GLN B 290 5.71 -42.08 17.51
CA GLN B 290 5.70 -41.06 18.55
C GLN B 290 6.33 -39.76 18.09
N GLU B 291 5.84 -38.66 18.64
CA GLU B 291 6.42 -37.37 18.37
C GLU B 291 7.68 -37.18 19.21
N ASP B 292 8.78 -36.85 18.57
CA ASP B 292 10.03 -36.67 19.29
C ASP B 292 9.87 -35.59 20.36
N PRO B 293 10.22 -35.88 21.62
CA PRO B 293 9.95 -34.91 22.69
C PRO B 293 10.67 -33.60 22.52
N ALA B 294 11.93 -33.62 22.04
CA ALA B 294 12.68 -32.38 21.92
C ALA B 294 12.12 -31.49 20.82
N VAL B 295 11.81 -32.06 19.66
CA VAL B 295 11.16 -31.28 18.61
C VAL B 295 9.78 -30.84 19.07
N LYS B 296 9.03 -31.73 19.73
CA LYS B 296 7.69 -31.36 20.20
C LYS B 296 7.74 -30.18 21.15
N ALA B 297 8.75 -30.14 22.03
CA ALA B 297 8.90 -29.04 22.97
C ALA B 297 9.24 -27.73 22.26
N GLU B 298 10.10 -27.79 21.22
CA GLU B 298 10.41 -26.57 20.48
C GLU B 298 9.19 -26.07 19.73
N ILE B 299 8.41 -26.99 19.14
CA ILE B 299 7.15 -26.63 18.49
C ILE B 299 6.21 -25.94 19.48
N SER B 300 6.14 -26.47 20.70
CA SER B 300 5.19 -25.91 21.66
C SER B 300 5.58 -24.49 22.05
N ARG B 301 6.88 -24.18 22.10
CA ARG B 301 7.31 -22.81 22.37
C ARG B 301 7.00 -21.91 21.19
N MET B 302 7.16 -22.41 19.97
CA MET B 302 6.89 -21.61 18.79
C MET B 302 5.40 -21.34 18.63
N LYS B 303 4.54 -22.29 19.05
CA LYS B 303 3.11 -22.02 19.06
C LYS B 303 2.79 -20.80 19.91
N VAL B 304 3.49 -20.65 21.05
CA VAL B 304 3.29 -19.50 21.91
C VAL B 304 3.80 -18.22 21.24
N GLN B 305 4.95 -18.30 20.55
CA GLN B 305 5.41 -17.13 19.80
C GLN B 305 4.41 -16.70 18.72
N LEU B 306 3.81 -17.68 18.05
CA LEU B 306 2.81 -17.37 17.02
C LEU B 306 1.64 -16.55 17.56
N GLN B 307 1.39 -16.54 18.87
CA GLN B 307 0.27 -15.77 19.36
C GLN B 307 0.44 -14.29 19.02
N ASN B 308 1.68 -13.79 18.99
CA ASN B 308 1.91 -12.41 18.55
C ASN B 308 1.37 -12.19 17.15
N TYR B 309 1.65 -13.14 16.24
CA TYR B 309 1.19 -12.99 14.86
C TYR B 309 -0.34 -12.95 14.80
N SER B 310 -1.01 -13.76 15.64
CA SER B 310 -2.46 -13.90 15.54
C SER B 310 -3.23 -12.74 16.15
N SER B 311 -2.65 -12.02 17.11
CA SER B 311 -3.36 -10.95 17.79
C SER B 311 -2.90 -9.55 17.38
N GLN B 312 -1.89 -9.43 16.54
CA GLN B 312 -1.39 -8.11 16.18
C GLN B 312 -2.30 -7.45 15.15
N GLU B 313 -2.39 -6.13 15.23
CA GLU B 313 -3.16 -5.37 14.24
C GLU B 313 -2.45 -5.47 12.90
N ILE B 314 -3.17 -5.96 11.89
CA ILE B 314 -2.66 -6.01 10.53
C ILE B 314 -2.90 -4.67 9.83
N GLY B 315 -4.10 -4.13 10.04
CA GLY B 315 -4.52 -2.88 9.43
C GLY B 315 -5.94 -2.61 9.90
N ARG B 316 -6.58 -1.62 9.29
CA ARG B 316 -7.92 -1.22 9.69
C ARG B 316 -8.82 -1.07 8.45
N THR B 317 -10.09 -1.35 8.65
CA THR B 317 -11.09 -1.00 7.67
C THR B 317 -11.89 0.17 8.22
N ILE B 318 -12.18 1.15 7.35
CA ILE B 318 -13.05 2.26 7.72
C ILE B 318 -14.44 2.09 7.13
N VAL B 319 -14.71 0.96 6.48
CA VAL B 319 -16.03 0.63 5.96
C VAL B 319 -16.44 -0.70 6.54
N TYR B 320 -17.74 -0.95 6.55
CA TYR B 320 -18.22 -2.30 6.82
C TYR B 320 -17.78 -3.21 5.69
N LEU B 321 -17.19 -4.35 6.05
CA LEU B 321 -16.75 -5.35 5.06
C LEU B 321 -17.85 -6.37 5.01
N ASN B 322 -18.71 -6.24 4.00
CA ASN B 322 -19.96 -6.98 4.03
C ASN B 322 -19.72 -8.38 3.50
N GLY B 323 -19.43 -9.29 4.42
CA GLY B 323 -19.30 -10.69 4.08
C GLY B 323 -20.46 -11.52 4.57
N THR B 324 -21.63 -10.90 4.76
CA THR B 324 -22.83 -11.66 5.11
C THR B 324 -23.29 -12.49 3.92
N THR B 325 -24.00 -13.59 4.21
CA THR B 325 -24.52 -14.40 3.11
C THR B 325 -25.43 -13.57 2.21
N HIS B 326 -26.24 -12.69 2.81
CA HIS B 326 -27.23 -11.91 2.08
C HIS B 326 -26.59 -10.99 1.03
N ALA B 327 -25.34 -10.60 1.25
CA ALA B 327 -24.63 -9.80 0.25
C ALA B 327 -23.87 -10.67 -0.75
N CYS B 328 -22.91 -11.46 -0.25
CA CYS B 328 -21.98 -12.10 -1.17
C CYS B 328 -22.60 -13.24 -1.99
N ARG B 329 -23.77 -13.72 -1.61
CA ARG B 329 -24.46 -14.75 -2.37
C ARG B 329 -25.58 -14.20 -3.26
N PHE B 330 -25.85 -12.89 -3.20
CA PHE B 330 -26.94 -12.35 -4.01
C PHE B 330 -26.50 -11.17 -4.88
N HIS B 331 -25.48 -10.43 -4.47
CA HIS B 331 -25.08 -9.27 -5.26
C HIS B 331 -23.60 -8.98 -5.03
N GLU B 332 -23.13 -7.87 -5.59
CA GLU B 332 -21.74 -7.46 -5.41
C GLU B 332 -21.47 -7.18 -3.95
N CYS B 333 -20.44 -7.79 -3.38
CA CYS B 333 -20.11 -7.49 -1.98
C CYS B 333 -18.69 -6.93 -1.90
N ASN B 334 -18.53 -5.86 -1.11
CA ASN B 334 -17.27 -5.14 -1.14
C ASN B 334 -16.14 -5.97 -0.56
N LEU B 335 -16.45 -6.91 0.34
CA LEU B 335 -15.42 -7.78 0.91
C LEU B 335 -14.91 -8.76 -0.14
N GLY B 336 -15.79 -9.27 -1.00
CA GLY B 336 -15.32 -10.09 -2.11
C GLY B 336 -14.44 -9.32 -3.07
N ASN B 337 -14.78 -8.06 -3.33
CA ASN B 337 -13.92 -7.23 -4.16
C ASN B 337 -12.53 -7.10 -3.54
N LEU B 338 -12.47 -6.87 -2.22
CA LEU B 338 -11.19 -6.77 -1.54
C LEU B 338 -10.39 -8.07 -1.62
N ILE B 339 -11.05 -9.21 -1.40
CA ILE B 339 -10.31 -10.47 -1.43
C ILE B 339 -9.71 -10.70 -2.80
N CYS B 340 -10.50 -10.56 -3.86
CA CYS B 340 -9.90 -10.81 -5.16
C CYS B 340 -8.90 -9.72 -5.57
N ASP B 341 -9.07 -8.47 -5.12
CA ASP B 341 -8.03 -7.48 -5.39
C ASP B 341 -6.73 -7.89 -4.70
N ALA B 342 -6.83 -8.38 -3.46
CA ALA B 342 -5.66 -8.89 -2.75
C ALA B 342 -5.00 -10.03 -3.52
N VAL B 343 -5.82 -10.91 -4.11
CA VAL B 343 -5.28 -12.08 -4.82
C VAL B 343 -4.52 -11.64 -6.07
N VAL B 344 -5.10 -10.72 -6.86
CA VAL B 344 -4.38 -10.23 -8.03
C VAL B 344 -3.07 -9.57 -7.60
N TYR B 345 -3.13 -8.74 -6.57
CA TYR B 345 -1.93 -8.07 -6.09
C TYR B 345 -0.84 -9.07 -5.71
N ASN B 346 -1.21 -10.20 -5.11
CA ASN B 346 -0.21 -11.19 -4.70
C ASN B 346 0.43 -11.90 -5.89
N ASN B 347 -0.20 -11.81 -7.07
CA ASN B 347 0.27 -12.54 -8.25
C ASN B 347 0.89 -11.62 -9.29
N LEU B 348 1.28 -10.42 -8.88
CA LEU B 348 1.98 -9.49 -9.75
C LEU B 348 3.44 -9.86 -9.84
N ARG B 349 3.98 -9.90 -11.05
CA ARG B 349 5.42 -10.12 -11.19
C ARG B 349 6.03 -8.91 -11.88
N HIS B 350 6.43 -9.07 -13.12
CA HIS B 350 7.01 -7.99 -13.90
C HIS B 350 6.60 -8.18 -15.34
N PRO B 351 6.60 -7.08 -16.08
CA PRO B 351 6.17 -7.18 -17.46
C PRO B 351 7.07 -8.18 -18.14
N ASP B 352 6.43 -9.26 -18.58
CA ASP B 352 7.09 -10.38 -19.24
C ASP B 352 6.75 -10.38 -20.72
N ASP B 353 7.70 -9.90 -21.52
CA ASP B 353 7.63 -9.79 -23.00
C ASP B 353 6.56 -8.86 -23.55
N ASN B 354 5.36 -9.42 -23.67
CA ASN B 354 4.24 -8.67 -24.22
C ASN B 354 3.11 -8.34 -23.25
N GLU B 355 3.19 -8.80 -22.00
CA GLU B 355 2.14 -8.51 -21.10
C GLU B 355 2.62 -7.73 -19.89
N TRP B 356 1.74 -6.90 -19.32
CA TRP B 356 2.07 -6.18 -18.10
C TRP B 356 2.07 -7.09 -16.89
N ASN B 357 1.29 -8.17 -16.93
CA ASN B 357 1.37 -9.27 -15.97
C ASN B 357 0.73 -10.49 -16.62
N HIS B 358 1.12 -11.68 -16.14
CA HIS B 358 0.61 -12.90 -16.74
C HIS B 358 -0.86 -13.17 -16.38
N VAL B 359 -1.40 -12.48 -15.37
CA VAL B 359 -2.78 -12.70 -14.95
C VAL B 359 -3.35 -11.37 -14.46
N SER B 360 -4.62 -11.12 -14.77
CA SER B 360 -5.28 -9.88 -14.41
C SER B 360 -6.59 -10.07 -13.66
N MET B 361 -7.07 -11.31 -13.48
CA MET B 361 -8.43 -11.57 -13.06
C MET B 361 -8.44 -12.52 -11.87
N CYS B 362 -9.46 -12.39 -11.05
CA CYS B 362 -9.68 -13.28 -9.92
C CYS B 362 -11.18 -13.49 -9.76
N ILE B 363 -11.57 -14.69 -9.33
CA ILE B 363 -12.95 -14.98 -8.94
C ILE B 363 -12.92 -15.63 -7.56
N VAL B 364 -13.98 -15.38 -6.79
CA VAL B 364 -14.17 -16.11 -5.53
C VAL B 364 -15.67 -16.27 -5.32
N ASN B 365 -16.11 -17.50 -5.05
CA ASN B 365 -17.54 -17.72 -4.84
C ASN B 365 -17.94 -17.14 -3.49
N GLY B 366 -19.12 -16.53 -3.45
CA GLY B 366 -19.60 -15.94 -2.19
C GLY B 366 -19.67 -16.93 -1.05
N GLY B 367 -19.91 -18.21 -1.36
CA GLY B 367 -19.93 -19.23 -0.33
C GLY B 367 -18.59 -19.46 0.34
N GLY B 368 -17.49 -18.98 -0.27
CA GLY B 368 -16.18 -19.02 0.36
C GLY B 368 -15.91 -17.85 1.29
N ILE B 369 -16.83 -16.88 1.35
CA ILE B 369 -16.68 -15.71 2.20
C ILE B 369 -17.57 -15.96 3.41
N ARG B 370 -16.96 -16.24 4.57
CA ARG B 370 -17.69 -16.89 5.64
C ARG B 370 -18.10 -15.97 6.78
N SER B 371 -17.78 -14.68 6.71
CA SER B 371 -18.14 -13.74 7.77
C SER B 371 -17.94 -12.30 7.28
N PRO B 372 -18.73 -11.34 7.75
CA PRO B 372 -18.36 -9.94 7.56
C PRO B 372 -17.28 -9.55 8.55
N ILE B 373 -16.78 -8.33 8.37
CA ILE B 373 -15.96 -7.69 9.40
C ILE B 373 -16.58 -6.32 9.67
N ASP B 374 -17.00 -6.13 10.91
CA ASP B 374 -17.73 -4.95 11.33
C ASP B 374 -16.73 -3.87 11.75
N GLU B 375 -16.72 -2.75 11.01
CA GLU B 375 -15.80 -1.68 11.36
C GLU B 375 -16.17 -1.00 12.67
N GLN B 376 -17.40 -1.16 13.14
CA GLN B 376 -17.78 -0.58 14.42
C GLN B 376 -17.34 -1.42 15.60
N ALA B 377 -16.87 -2.65 15.35
CA ALA B 377 -16.66 -3.61 16.43
C ALA B 377 -15.52 -3.20 17.35
N ASN B 378 -14.39 -2.78 16.78
CA ASN B 378 -13.21 -2.44 17.57
C ASN B 378 -12.38 -1.45 16.76
N ASN B 379 -12.98 -0.31 16.41
CA ASN B 379 -12.38 0.73 15.58
C ASN B 379 -11.87 0.21 14.23
N GLY B 380 -12.50 -0.84 13.70
CA GLY B 380 -12.11 -1.38 12.42
C GLY B 380 -10.80 -2.15 12.42
N ILE B 381 -10.24 -2.45 13.60
CA ILE B 381 -8.96 -3.12 13.68
C ILE B 381 -9.11 -4.56 13.19
N ILE B 382 -8.27 -4.94 12.23
CA ILE B 382 -8.29 -6.29 11.67
C ILE B 382 -7.08 -7.05 12.18
N THR B 383 -7.32 -8.21 12.81
CA THR B 383 -6.27 -9.17 13.18
C THR B 383 -6.55 -10.47 12.46
N LEU B 384 -5.68 -11.46 12.70
CA LEU B 384 -5.89 -12.79 12.16
C LEU B 384 -7.18 -13.42 12.65
N GLU B 385 -7.63 -13.04 13.85
CA GLU B 385 -8.88 -13.57 14.37
C GLU B 385 -10.04 -13.23 13.42
N GLU B 386 -10.11 -11.97 13.00
CA GLU B 386 -11.18 -11.54 12.12
C GLU B 386 -11.03 -12.15 10.73
N LEU B 387 -9.80 -12.21 10.22
CA LEU B 387 -9.58 -12.76 8.88
C LEU B 387 -9.90 -14.26 8.83
N THR B 388 -9.57 -14.99 9.90
CA THR B 388 -9.88 -16.42 9.93
C THR B 388 -11.39 -16.65 9.93
N ALA B 389 -12.17 -15.74 10.53
CA ALA B 389 -13.63 -15.86 10.46
C ALA B 389 -14.11 -15.76 9.02
N VAL B 390 -13.49 -14.86 8.23
CA VAL B 390 -13.86 -14.72 6.82
C VAL B 390 -13.36 -15.92 6.02
N LEU B 391 -12.13 -16.36 6.29
CA LEU B 391 -11.47 -17.44 5.54
C LEU B 391 -10.97 -18.48 6.50
N PRO B 392 -11.82 -19.42 6.92
CA PRO B 392 -11.45 -20.35 7.99
C PRO B 392 -10.86 -21.67 7.54
N PHE B 393 -10.73 -21.93 6.25
CA PHE B 393 -10.52 -23.30 5.77
C PHE B 393 -9.08 -23.62 5.39
N GLY B 394 -8.18 -22.64 5.40
CA GLY B 394 -6.78 -22.91 5.10
C GLY B 394 -6.48 -23.29 3.67
N GLY B 395 -7.34 -22.88 2.73
CA GLY B 395 -7.13 -23.13 1.32
C GLY B 395 -6.24 -22.08 0.68
N THR B 396 -6.08 -22.19 -0.63
CA THR B 396 -5.20 -21.30 -1.37
C THR B 396 -5.98 -20.64 -2.48
N PHE B 397 -5.34 -19.67 -3.13
CA PHE B 397 -5.81 -19.15 -4.41
C PHE B 397 -4.82 -19.62 -5.45
N ASP B 398 -5.34 -20.23 -6.50
CA ASP B 398 -4.56 -20.95 -7.49
C ASP B 398 -4.65 -20.27 -8.85
N LEU B 399 -3.78 -20.69 -9.76
CA LEU B 399 -3.75 -20.17 -11.13
C LEU B 399 -4.31 -21.24 -12.05
N LEU B 400 -5.33 -20.88 -12.83
CA LEU B 400 -5.98 -21.80 -13.76
C LEU B 400 -5.92 -21.23 -15.18
N GLN B 401 -5.52 -22.06 -16.14
CA GLN B 401 -5.59 -21.73 -17.56
C GLN B 401 -6.92 -22.23 -18.12
N ILE B 402 -7.66 -21.33 -18.75
CA ILE B 402 -9.06 -21.58 -19.07
C ILE B 402 -9.41 -20.88 -20.37
N LYS B 403 -10.19 -21.57 -21.22
CA LYS B 403 -10.68 -20.98 -22.45
C LYS B 403 -11.81 -20.02 -22.14
N GLY B 404 -11.94 -19.00 -23.00
CA GLY B 404 -13.01 -18.02 -22.82
C GLY B 404 -14.39 -18.65 -22.68
N SER B 405 -14.67 -19.66 -23.50
CA SER B 405 -15.97 -20.31 -23.42
C SER B 405 -16.18 -20.97 -22.05
N THR B 406 -15.14 -21.56 -21.50
CA THR B 406 -15.25 -22.22 -20.20
C THR B 406 -15.47 -21.20 -19.09
N LEU B 407 -14.76 -20.06 -19.16
CA LEU B 407 -14.99 -19.01 -18.18
C LEU B 407 -16.41 -18.47 -18.26
N ARG B 408 -16.92 -18.28 -19.47
CA ARG B 408 -18.32 -17.84 -19.60
C ARG B 408 -19.27 -18.89 -19.04
N GLN B 409 -19.01 -20.18 -19.30
CA GLN B 409 -19.80 -21.24 -18.69
C GLN B 409 -19.78 -21.17 -17.17
N ALA B 410 -18.66 -20.78 -16.57
CA ALA B 410 -18.60 -20.59 -15.12
C ALA B 410 -19.48 -19.42 -14.68
N PHE B 411 -19.51 -18.34 -15.45
CA PHE B 411 -20.39 -17.24 -15.08
C PHE B 411 -21.87 -17.55 -15.30
N GLU B 412 -22.22 -18.49 -16.20
CA GLU B 412 -23.60 -18.94 -16.20
C GLU B 412 -23.93 -19.72 -14.93
N HIS B 413 -23.01 -20.60 -14.52
CA HIS B 413 -23.19 -21.34 -13.28
C HIS B 413 -23.33 -20.40 -12.09
N SER B 414 -22.60 -19.29 -12.14
CA SER B 414 -22.61 -18.30 -11.07
C SER B 414 -24.02 -17.84 -10.71
N VAL B 415 -24.95 -17.80 -11.68
CA VAL B 415 -26.29 -17.31 -11.40
C VAL B 415 -27.38 -18.30 -11.81
N HIS B 416 -27.01 -19.54 -12.13
CA HIS B 416 -28.04 -20.47 -12.60
C HIS B 416 -29.07 -20.76 -11.52
N ARG B 417 -28.69 -20.62 -10.25
CA ARG B 417 -29.61 -20.79 -9.13
C ARG B 417 -29.72 -19.52 -8.27
N HIS B 418 -29.47 -18.35 -8.86
CA HIS B 418 -29.48 -17.11 -8.10
C HIS B 418 -30.81 -16.92 -7.40
N GLY B 419 -30.76 -16.47 -6.15
CA GLY B 419 -31.92 -16.26 -5.33
C GLY B 419 -32.19 -17.37 -4.34
N GLN B 420 -31.58 -18.53 -4.53
CA GLN B 420 -31.79 -19.64 -3.61
C GLN B 420 -30.84 -19.61 -2.42
N GLY B 421 -29.88 -18.70 -2.42
CA GLY B 421 -29.01 -18.51 -1.27
C GLY B 421 -27.87 -19.49 -1.12
N THR B 422 -27.60 -20.35 -2.09
CA THR B 422 -26.39 -21.17 -2.01
C THR B 422 -25.18 -20.35 -2.49
N GLY B 423 -23.98 -20.93 -2.42
CA GLY B 423 -22.76 -20.13 -2.46
C GLY B 423 -22.10 -19.84 -3.79
N GLU B 424 -22.84 -20.01 -4.89
CA GLU B 424 -22.21 -20.03 -6.21
C GLU B 424 -21.71 -18.66 -6.67
N LEU B 425 -22.45 -17.58 -6.36
CA LEU B 425 -22.20 -16.27 -6.98
C LEU B 425 -20.73 -15.84 -6.94
N LEU B 426 -20.18 -15.50 -8.10
CA LEU B 426 -18.77 -15.15 -8.21
C LEU B 426 -18.53 -13.67 -7.93
N GLN B 427 -17.74 -13.39 -6.90
CA GLN B 427 -17.16 -12.07 -6.72
C GLN B 427 -15.87 -12.04 -7.51
N VAL B 428 -15.50 -10.85 -8.01
CA VAL B 428 -14.47 -10.76 -9.04
C VAL B 428 -13.52 -9.60 -8.80
N SER B 429 -12.35 -9.71 -9.43
CA SER B 429 -11.47 -8.58 -9.72
C SER B 429 -11.00 -8.69 -11.16
N GLY B 430 -10.98 -7.56 -11.88
CA GLY B 430 -10.52 -7.56 -13.26
C GLY B 430 -11.52 -8.09 -14.25
N ILE B 431 -12.79 -8.20 -13.86
CA ILE B 431 -13.86 -8.69 -14.71
C ILE B 431 -15.04 -7.75 -14.54
N LYS B 432 -15.73 -7.45 -15.64
CA LYS B 432 -17.02 -6.78 -15.61
C LYS B 432 -18.03 -7.73 -16.21
N VAL B 433 -19.01 -8.17 -15.41
CA VAL B 433 -20.06 -9.07 -15.89
C VAL B 433 -21.41 -8.38 -15.76
N VAL B 434 -22.26 -8.62 -16.76
CA VAL B 434 -23.63 -8.12 -16.75
C VAL B 434 -24.51 -9.35 -16.91
N TYR B 435 -25.52 -9.48 -16.06
CA TYR B 435 -26.46 -10.59 -16.10
C TYR B 435 -27.87 -10.06 -16.32
N ASP B 436 -28.73 -10.91 -16.88
CA ASP B 436 -30.17 -10.66 -16.92
C ASP B 436 -30.81 -11.88 -16.27
N LEU B 437 -31.15 -11.76 -15.00
CA LEU B 437 -31.69 -12.88 -14.25
C LEU B 437 -33.09 -13.26 -14.69
N SER B 438 -33.77 -12.47 -15.50
CA SER B 438 -35.08 -12.88 -15.98
C SER B 438 -35.01 -13.92 -17.10
N GLN B 439 -33.82 -14.16 -17.65
CA GLN B 439 -33.68 -15.17 -18.70
C GLN B 439 -33.52 -16.54 -18.06
N LYS B 440 -33.63 -17.58 -18.87
CA LYS B 440 -33.60 -18.94 -18.32
C LYS B 440 -32.22 -19.28 -17.77
N PRO B 441 -32.16 -20.08 -16.69
CA PRO B 441 -30.88 -20.58 -16.19
C PRO B 441 -29.99 -21.11 -17.29
N GLY B 442 -28.72 -20.75 -17.25
CA GLY B 442 -27.78 -21.10 -18.31
C GLY B 442 -27.71 -20.12 -19.46
N LYS B 443 -28.60 -19.13 -19.53
CA LYS B 443 -28.54 -18.10 -20.57
C LYS B 443 -28.70 -16.72 -19.96
N ARG B 444 -28.06 -16.47 -18.82
CA ARG B 444 -28.24 -15.19 -18.16
C ARG B 444 -27.07 -14.24 -18.32
N VAL B 445 -25.96 -14.67 -18.90
CA VAL B 445 -24.83 -13.75 -19.05
C VAL B 445 -25.14 -12.86 -20.25
N VAL B 446 -25.20 -11.56 -20.00
CA VAL B 446 -25.37 -10.58 -21.05
C VAL B 446 -24.03 -10.26 -21.69
N SER B 447 -23.02 -9.96 -20.89
CA SER B 447 -21.72 -9.63 -21.43
C SER B 447 -20.66 -9.92 -20.39
N LEU B 448 -19.46 -10.21 -20.87
CA LEU B 448 -18.28 -10.39 -20.03
C LEU B 448 -17.13 -9.62 -20.65
N ASN B 449 -16.54 -8.72 -19.87
CA ASN B 449 -15.34 -8.01 -20.27
C ASN B 449 -14.28 -8.23 -19.20
N VAL B 450 -13.02 -8.33 -19.64
CA VAL B 450 -11.91 -8.66 -18.76
C VAL B 450 -10.77 -7.70 -19.00
N LEU B 451 -9.94 -7.51 -17.97
CA LEU B 451 -8.73 -6.70 -18.15
C LEU B 451 -7.76 -7.43 -19.06
N CYS B 452 -7.38 -6.78 -20.16
CA CYS B 452 -6.34 -7.33 -21.02
C CYS B 452 -5.05 -7.52 -20.23
N THR B 453 -4.28 -8.54 -20.61
CA THR B 453 -2.91 -8.68 -20.16
C THR B 453 -1.93 -8.29 -21.24
N GLU B 454 -2.27 -8.54 -22.51
CA GLU B 454 -1.35 -8.28 -23.62
C GLU B 454 -1.50 -6.83 -24.07
N CYS B 455 -1.09 -5.92 -23.19
CA CYS B 455 -1.30 -4.50 -23.37
C CYS B 455 -0.39 -3.78 -22.39
N ARG B 456 -0.04 -2.54 -22.71
CA ARG B 456 0.78 -1.71 -21.84
C ARG B 456 -0.05 -0.98 -20.79
N VAL B 457 -1.33 -0.75 -21.08
CA VAL B 457 -2.25 -0.15 -20.13
C VAL B 457 -3.42 -1.08 -19.96
N PRO B 458 -3.65 -1.63 -18.77
CA PRO B 458 -4.79 -2.53 -18.56
C PRO B 458 -6.11 -1.81 -18.85
N THR B 459 -6.97 -2.48 -19.61
CA THR B 459 -8.28 -1.96 -19.97
C THR B 459 -9.19 -3.13 -20.27
N TYR B 460 -10.50 -2.89 -20.16
CA TYR B 460 -11.48 -3.96 -20.30
C TYR B 460 -11.75 -4.26 -21.77
N VAL B 461 -11.68 -5.54 -22.15
CA VAL B 461 -11.93 -5.92 -23.53
C VAL B 461 -12.90 -7.09 -23.51
N PRO B 462 -13.69 -7.30 -24.55
CA PRO B 462 -14.63 -8.42 -24.53
C PRO B 462 -13.89 -9.75 -24.39
N LEU B 463 -14.44 -10.63 -23.57
CA LEU B 463 -13.92 -11.99 -23.48
C LEU B 463 -14.12 -12.70 -24.82
N GLU B 464 -13.10 -13.45 -25.24
CA GLU B 464 -13.12 -14.16 -26.51
C GLU B 464 -13.25 -15.66 -26.24
N MET B 465 -14.17 -16.32 -26.95
CA MET B 465 -14.54 -17.68 -26.58
C MET B 465 -13.45 -18.69 -26.88
N GLU B 466 -12.67 -18.48 -27.95
CA GLU B 466 -11.65 -19.45 -28.30
C GLU B 466 -10.27 -19.10 -27.74
N LYS B 467 -10.14 -17.93 -27.10
CA LYS B 467 -8.89 -17.50 -26.50
C LYS B 467 -8.67 -18.17 -25.14
N THR B 468 -7.41 -18.39 -24.80
CA THR B 468 -7.01 -18.97 -23.52
C THR B 468 -6.62 -17.86 -22.56
N TYR B 469 -7.16 -17.92 -21.34
CA TYR B 469 -6.93 -16.91 -20.31
C TYR B 469 -6.37 -17.54 -19.05
N LYS B 470 -5.79 -16.71 -18.20
CA LYS B 470 -5.42 -17.11 -16.85
C LYS B 470 -6.40 -16.47 -15.88
N VAL B 471 -6.82 -17.23 -14.89
CA VAL B 471 -7.69 -16.68 -13.86
C VAL B 471 -7.23 -17.24 -12.51
N LEU B 472 -7.30 -16.40 -11.49
CA LEU B 472 -7.02 -16.83 -10.12
C LEU B 472 -8.34 -17.21 -9.47
N LEU B 473 -8.33 -18.28 -8.67
CA LEU B 473 -9.57 -18.80 -8.09
C LEU B 473 -9.24 -19.61 -6.83
N PRO B 474 -10.22 -19.79 -5.94
CA PRO B 474 -9.97 -20.60 -4.74
C PRO B 474 -9.70 -22.07 -5.07
N SER B 475 -8.84 -22.68 -4.25
CA SER B 475 -8.59 -24.11 -4.39
C SER B 475 -9.89 -24.90 -4.33
N PHE B 476 -10.87 -24.41 -3.57
CA PHE B 476 -12.18 -25.05 -3.52
C PHE B 476 -12.81 -25.12 -4.91
N LEU B 477 -12.75 -24.03 -5.68
CA LEU B 477 -13.32 -24.05 -7.03
C LEU B 477 -12.46 -24.85 -8.01
N ALA B 478 -11.13 -24.82 -7.85
CA ALA B 478 -10.28 -25.67 -8.67
C ALA B 478 -10.47 -27.15 -8.38
N ALA B 479 -11.14 -27.51 -7.30
CA ALA B 479 -11.52 -28.90 -7.07
C ALA B 479 -12.93 -29.20 -7.57
N GLY B 480 -13.59 -28.26 -8.22
CA GLY B 480 -14.95 -28.47 -8.68
C GLY B 480 -16.02 -28.14 -7.66
N GLY B 481 -15.67 -27.40 -6.62
CA GLY B 481 -16.63 -27.15 -5.55
C GLY B 481 -17.82 -26.35 -6.04
N ASP B 482 -18.95 -26.53 -5.34
CA ASP B 482 -20.20 -25.81 -5.63
C ASP B 482 -20.68 -26.03 -7.07
N GLY B 483 -20.39 -27.19 -7.64
CA GLY B 483 -20.83 -27.54 -8.97
C GLY B 483 -20.02 -26.95 -10.11
N TYR B 484 -18.88 -26.32 -9.82
CA TYR B 484 -18.05 -25.70 -10.84
C TYR B 484 -17.12 -26.72 -11.49
N TYR B 485 -17.73 -27.74 -12.12
CA TYR B 485 -16.92 -28.81 -12.70
C TYR B 485 -15.99 -28.27 -13.79
N MET B 486 -16.40 -27.20 -14.48
CA MET B 486 -15.60 -26.65 -15.57
C MET B 486 -14.38 -25.86 -15.09
N LEU B 487 -14.25 -25.59 -13.80
CA LEU B 487 -13.09 -24.96 -13.22
C LEU B 487 -12.11 -25.94 -12.55
N LYS B 488 -12.41 -27.23 -12.67
CA LYS B 488 -11.57 -28.22 -12.11
C LYS B 488 -10.16 -28.14 -12.73
N GLY B 489 -9.11 -28.12 -11.91
CA GLY B 489 -7.75 -28.06 -12.44
C GLY B 489 -7.11 -29.44 -12.47
N ASP B 490 -6.15 -29.62 -13.38
CA ASP B 490 -5.28 -30.78 -13.37
C ASP B 490 -3.85 -30.30 -13.58
N SER B 491 -2.89 -31.25 -13.62
CA SER B 491 -1.48 -30.85 -13.67
C SER B 491 -1.18 -30.01 -14.90
N SER B 492 -1.97 -30.17 -15.97
CA SER B 492 -1.69 -29.49 -17.23
C SER B 492 -2.16 -28.05 -17.27
N ASN B 493 -3.06 -27.63 -16.38
CA ASN B 493 -3.61 -26.28 -16.49
C ASN B 493 -3.73 -25.56 -15.14
N HIS B 494 -3.20 -26.12 -14.06
CA HIS B 494 -3.50 -25.62 -12.74
C HIS B 494 -2.26 -25.65 -11.86
N SER B 495 -2.07 -24.58 -11.09
CA SER B 495 -0.95 -24.45 -10.16
C SER B 495 -1.50 -24.00 -8.82
N SER B 496 -1.09 -24.66 -7.74
CA SER B 496 -1.52 -24.26 -6.41
C SER B 496 -0.74 -23.04 -5.94
N GLY B 497 -1.45 -22.04 -5.40
CA GLY B 497 -0.86 -20.78 -4.99
C GLY B 497 -0.73 -20.63 -3.50
N ASP B 498 -0.88 -19.41 -2.99
CA ASP B 498 -0.53 -19.10 -1.60
C ASP B 498 -1.76 -19.20 -0.71
N LEU B 499 -1.50 -19.38 0.58
CA LEU B 499 -2.53 -19.43 1.62
C LEU B 499 -3.44 -18.21 1.54
N ASP B 500 -4.76 -18.46 1.55
CA ASP B 500 -5.72 -17.36 1.38
C ASP B 500 -5.55 -16.28 2.45
N ILE B 501 -5.40 -16.65 3.71
CA ILE B 501 -5.33 -15.57 4.71
C ILE B 501 -3.99 -14.84 4.62
N SER B 502 -2.95 -15.49 4.11
CA SER B 502 -1.68 -14.80 3.88
C SER B 502 -1.81 -13.75 2.78
N ILE B 503 -2.48 -14.10 1.68
CA ILE B 503 -2.77 -13.17 0.60
C ILE B 503 -3.52 -11.94 1.12
N VAL B 504 -4.64 -12.17 1.79
CA VAL B 504 -5.49 -11.08 2.22
C VAL B 504 -4.82 -10.28 3.32
N GLY B 505 -4.19 -10.95 4.28
CA GLY B 505 -3.48 -10.25 5.34
C GLY B 505 -2.37 -9.35 4.81
N ASP B 506 -1.60 -9.87 3.83
CA ASP B 506 -0.53 -9.09 3.23
C ASP B 506 -1.06 -7.81 2.58
N TYR B 507 -2.17 -7.93 1.87
CA TYR B 507 -2.76 -6.78 1.19
C TYR B 507 -3.29 -5.75 2.17
N ILE B 508 -3.99 -6.21 3.22
CA ILE B 508 -4.49 -5.28 4.23
C ILE B 508 -3.34 -4.56 4.93
N LYS B 509 -2.27 -5.29 5.27
CA LYS B 509 -1.11 -4.66 5.90
C LYS B 509 -0.48 -3.61 5.00
N ARG B 510 -0.38 -3.91 3.70
CA ARG B 510 0.19 -2.96 2.76
C ARG B 510 -0.68 -1.71 2.65
N MET B 511 -1.99 -1.89 2.49
CA MET B 511 -2.90 -0.75 2.36
C MET B 511 -3.00 0.06 3.64
N GLY B 512 -2.95 -0.60 4.80
CA GLY B 512 -3.04 0.09 6.07
C GLY B 512 -4.47 0.40 6.49
N LYS B 513 -5.16 1.18 5.65
CA LYS B 513 -6.60 1.38 5.76
C LYS B 513 -7.25 0.84 4.50
N VAL B 514 -8.29 0.05 4.64
CA VAL B 514 -9.03 -0.42 3.48
C VAL B 514 -10.42 0.19 3.50
N PHE B 515 -10.96 0.39 2.30
CA PHE B 515 -12.25 1.01 2.10
C PHE B 515 -12.86 0.51 0.79
N PRO B 516 -12.99 -0.80 0.56
CA PRO B 516 -13.53 -1.26 -0.74
C PRO B 516 -14.99 -0.87 -0.92
N ALA B 517 -15.34 -0.51 -2.15
CA ALA B 517 -16.69 -0.10 -2.50
C ALA B 517 -17.38 -1.21 -3.28
N MET B 518 -18.71 -1.13 -3.35
CA MET B 518 -19.44 -1.77 -4.44
C MET B 518 -19.32 -0.84 -5.64
N GLU B 519 -18.67 -1.30 -6.71
CA GLU B 519 -18.37 -0.41 -7.81
C GLU B 519 -18.96 -0.85 -9.15
N GLY B 520 -19.87 -1.84 -9.16
CA GLY B 520 -20.45 -2.28 -10.42
C GLY B 520 -19.67 -3.35 -11.15
N ARG B 521 -18.81 -4.10 -10.46
CA ARG B 521 -18.10 -5.21 -11.11
C ARG B 521 -19.08 -6.25 -11.67
N MET B 522 -20.20 -6.46 -11.00
CA MET B 522 -21.32 -7.18 -11.59
C MET B 522 -22.53 -6.26 -11.62
N VAL B 523 -23.30 -6.35 -12.71
CA VAL B 523 -24.51 -5.57 -12.93
C VAL B 523 -25.63 -6.52 -13.29
N PHE B 524 -26.79 -6.31 -12.67
CA PHE B 524 -28.00 -7.06 -12.94
C PHE B 524 -28.94 -6.16 -13.74
N SER B 525 -29.37 -6.63 -14.90
CA SER B 525 -30.31 -5.85 -15.70
C SER B 525 -31.53 -5.50 -14.86
N ALA B 526 -32.00 -4.27 -15.00
CA ALA B 526 -33.07 -3.72 -14.18
C ALA B 526 -34.42 -4.30 -14.60
N GLY B 527 -34.68 -5.53 -14.13
CA GLY B 527 -35.93 -6.21 -14.40
C GLY B 527 -36.28 -7.31 -13.39
N SER B 528 -35.64 -7.30 -12.22
CA SER B 528 -35.97 -8.22 -11.15
C SER B 528 -35.81 -7.50 -9.82
N LEU B 529 -36.20 -8.18 -8.74
CA LEU B 529 -36.25 -7.59 -7.39
C LEU B 529 -35.00 -6.80 -6.99
C1 NAG C . -1.31 6.40 -24.44
C2 NAG C . -0.90 5.18 -25.28
C3 NAG C . -0.94 5.49 -26.77
C4 NAG C . -2.24 6.15 -27.18
C5 NAG C . -2.56 7.34 -26.28
C6 NAG C . -3.90 7.97 -26.56
C7 NAG C . 0.68 3.45 -24.54
C8 NAG C . 2.11 3.12 -24.24
N2 NAG C . 0.43 4.71 -24.91
O3 NAG C . -0.78 4.27 -27.48
O4 NAG C . -2.10 6.59 -28.53
O5 NAG C . -2.59 6.90 -24.92
O6 NAG C . -4.94 6.99 -26.50
O7 NAG C . -0.21 2.60 -24.45
C1 NAG C . -3.18 6.11 -29.35
C2 NAG C . -2.97 6.62 -30.77
C3 NAG C . -4.09 6.14 -31.68
C4 NAG C . -4.31 4.64 -31.56
C5 NAG C . -4.38 4.19 -30.10
C6 NAG C . -4.38 2.69 -29.94
C7 NAG C . -1.74 8.76 -30.88
C8 NAG C . -1.86 10.25 -30.89
N2 NAG C . -2.89 8.07 -30.78
O3 NAG C . -3.78 6.50 -33.02
O4 NAG C . -5.55 4.31 -32.17
O5 NAG C . -3.26 4.68 -29.36
O6 NAG C . -4.25 2.31 -28.58
O7 NAG C . -0.66 8.18 -30.94
C1 BMA C . -5.40 3.37 -33.26
C2 BMA C . -6.83 3.08 -33.84
C3 BMA C . -6.72 2.17 -35.08
C4 BMA C . -5.61 2.65 -36.05
C5 BMA C . -4.30 2.90 -35.29
C6 BMA C . -3.18 3.43 -36.17
O2 BMA C . -7.46 4.30 -34.24
O3 BMA C . -7.96 2.08 -35.76
O4 BMA C . -5.40 1.63 -37.02
O5 BMA C . -4.55 3.87 -34.29
O6 BMA C . -1.94 2.94 -35.66
C1 NAG D . -24.71 -6.05 4.06
C2 NAG D . -25.33 -4.77 4.62
C3 NAG D . -26.82 -4.98 4.92
C4 NAG D . -27.55 -5.61 3.74
C5 NAG D . -26.82 -6.86 3.27
C6 NAG D . -27.42 -7.48 2.04
C7 NAG D . -24.29 -3.05 6.03
C8 NAG D . -23.66 -2.74 7.36
N2 NAG D . -24.66 -4.33 5.83
O3 NAG D . -27.39 -3.73 5.25
O4 NAG D . -28.86 -6.00 4.17
O5 NAG D . -25.48 -6.52 2.94
O6 NAG D . -27.52 -6.52 1.00
O7 NAG D . -24.46 -2.20 5.17
C1 NAG D . -29.88 -5.43 3.35
C2 NAG D . -31.21 -5.98 3.86
C3 NAG D . -32.39 -5.34 3.13
C4 NAG D . -32.27 -3.82 3.05
C5 NAG D . -30.87 -3.42 2.56
C6 NAG D . -30.63 -1.93 2.60
C7 NAG D . -31.20 -8.27 4.74
C8 NAG D . -31.27 -9.72 4.40
N2 NAG D . -31.26 -7.42 3.71
O3 NAG D . -33.59 -5.67 3.83
O4 NAG D . -33.25 -3.32 2.16
O5 NAG D . -29.89 -4.03 3.40
O6 NAG D . -30.77 -1.44 3.92
O7 NAG D . -31.11 -7.87 5.90
C1 BMA D . -34.04 -2.34 2.86
C2 BMA D . -35.18 -1.90 1.92
C3 BMA D . -36.51 -1.55 2.67
C4 BMA D . -36.53 -1.68 4.24
C5 BMA D . -35.14 -1.92 4.82
C6 BMA D . -35.14 -2.38 6.28
O2 BMA D . -35.45 -2.92 0.95
O3 BMA D . -37.61 -2.29 2.13
O4 BMA D . -37.09 -0.50 4.81
O5 BMA D . -34.53 -2.89 4.03
O6 BMA D . -36.40 -2.95 6.57
C1 NAG E . 22.21 9.52 -1.43
C2 NAG E . 23.54 9.51 -0.66
C3 NAG E . 24.11 8.09 -0.63
C4 NAG E . 23.08 7.11 -0.09
C5 NAG E . 21.76 7.24 -0.85
C6 NAG E . 20.65 6.39 -0.27
C7 NAG E . 25.28 11.23 -0.51
C8 NAG E . 26.21 12.13 -1.28
N2 NAG E . 24.49 10.44 -1.24
O3 NAG E . 25.28 8.07 0.18
O4 NAG E . 23.57 5.78 -0.22
O5 NAG E . 21.30 8.60 -0.82
O6 NAG E . 20.02 7.04 0.83
O7 NAG E . 25.26 11.21 0.72
ZN ZN F . -2.21 26.88 5.42
ZN ZN G . -4.23 26.16 7.89
CA CA H . -4.96 45.11 27.37
ZN ZN I . 4.22 -27.34 -3.60
ZN ZN J . 5.89 -26.49 -6.21
CA CA K . 24.93 -44.89 -12.19
#